data_7YX7
#
_entry.id   7YX7
#
_cell.length_a   72.950
_cell.length_b   100.530
_cell.length_c   108.880
_cell.angle_alpha   90.000
_cell.angle_beta   90.000
_cell.angle_gamma   90.000
#
_symmetry.space_group_name_H-M   'P 21 21 21'
#
loop_
_entity.id
_entity.type
_entity.pdbx_description
1 polymer 'Oligopeptidase B'
2 non-polymer SPERMINE
3 water water
#
_entity_poly.entity_id   1
_entity_poly.type   'polypeptide(L)'
_entity_poly.pdbx_seq_one_letter_code
;HMTPPKAEKRPYPITTHGDTRVDDYYWLRDDERTDPQVLDYLQAENAFTDAALKPQQALRETLYEEMVARENLYFQSVPY
VRHGYRYQTRFEPGNEYAIYVRQPQAESEHWDTLIDGNQRAEQREFYTLGGLEVSPDNQKLAVAEDFLSRRQYDIRFKNL
SDDSWTDEVLENTSGSFEWANDSATVYYVRKHAKTLLPYQVYRHVVGTDPQLDELIYEEQDDTFYVGLEKTTSDRFILIH
LSSTTTSEILLLDADRADSTPQMFVPRRKDHEYGIDHYHQHFYIRSNKDGKNFGLYQSEQADEAQWQTLIAPRIEVMLEG
FSLFRDWLVVEERSEGLTQLRQIHWQSGEVKRIAFDDPTYTTWLAYNPEPETELLRYGYSSMTTPTTLYELNLDSDERVM
LKQQEVKNFTPENYRSERVWVKARDGVEVPVSLVYRHDSFARGTNPLMVYGYGSYGSSMDPAFSASRLSLLDRGFVFVLA
HIRGGGELGQLWYEDGKLFKKQNTFNDFIDVTEALIAQGYGDAKRVFAMGGSAGGLLMGAVINQAPELFNGIVAQVPFVD
VVTTMLDESIPLTTGEYDEWGNPNQQAYYDYILQYSPYDQVKAQDYPHMLVTTGLHDSQVQYWEPAKWVAKLRELKTDDR
QLLLYTDMDSGHGGKSGRFKAYEDIALEYAFILALAE
;
_entity_poly.pdbx_strand_id   A
#
loop_
_chem_comp.id
_chem_comp.type
_chem_comp.name
_chem_comp.formula
SPM non-polymer SPERMINE 'C10 H26 N4'
#
# COMPACT_ATOMS: atom_id res chain seq x y z
N HIS A 1 -23.72 13.23 -27.57
CA HIS A 1 -25.11 12.75 -27.77
C HIS A 1 -25.86 12.72 -26.42
N MET A 2 -25.61 11.72 -25.61
CA MET A 2 -26.54 11.30 -24.53
C MET A 2 -26.49 12.32 -23.42
N THR A 3 -27.63 12.64 -22.83
CA THR A 3 -27.78 13.49 -21.63
C THR A 3 -27.26 12.77 -20.40
N PRO A 4 -26.27 13.31 -19.67
CA PRO A 4 -25.80 12.65 -18.47
C PRO A 4 -26.78 12.87 -17.32
N PRO A 5 -26.70 12.05 -16.27
CA PRO A 5 -27.45 12.26 -15.05
C PRO A 5 -27.18 13.64 -14.42
N LYS A 6 -28.22 14.22 -13.85
CA LYS A 6 -28.14 15.51 -13.12
C LYS A 6 -28.66 15.28 -11.72
N ALA A 7 -27.74 15.29 -10.75
CA ALA A 7 -28.05 15.20 -9.30
C ALA A 7 -28.89 16.40 -8.87
N GLU A 8 -29.92 16.17 -8.06
CA GLU A 8 -30.67 17.29 -7.44
C GLU A 8 -29.71 18.18 -6.64
N LYS A 9 -29.82 19.50 -6.74
CA LYS A 9 -29.06 20.48 -5.91
C LYS A 9 -29.84 20.71 -4.62
N ARG A 10 -29.21 20.54 -3.46
CA ARG A 10 -29.82 20.88 -2.15
C ARG A 10 -28.82 21.74 -1.40
N PRO A 11 -28.82 23.07 -1.59
CA PRO A 11 -27.83 23.95 -0.94
C PRO A 11 -27.71 23.63 0.56
N TYR A 12 -26.50 23.21 0.97
CA TYR A 12 -26.15 22.85 2.37
C TYR A 12 -24.99 23.72 2.83
N PRO A 13 -25.23 24.82 3.58
CA PRO A 13 -24.15 25.70 3.98
C PRO A 13 -23.31 25.07 5.09
N ILE A 14 -22.00 25.29 4.96
CA ILE A 14 -20.97 24.95 5.98
C ILE A 14 -20.20 26.23 6.25
N THR A 15 -20.27 26.73 7.48
CA THR A 15 -19.57 27.96 7.88
C THR A 15 -18.50 27.59 8.90
N THR A 16 -17.26 27.89 8.56
CA THR A 16 -16.06 27.74 9.40
C THR A 16 -15.21 29.01 9.31
N HIS A 17 -14.75 29.56 10.45
CA HIS A 17 -13.83 30.73 10.46
C HIS A 17 -14.54 31.90 9.77
N GLY A 18 -15.86 31.95 9.86
CA GLY A 18 -16.75 32.94 9.22
C GLY A 18 -16.95 32.74 7.74
N ASP A 19 -16.35 31.70 7.16
CA ASP A 19 -16.35 31.50 5.69
C ASP A 19 -17.45 30.51 5.38
N THR A 20 -18.45 30.93 4.62
CA THR A 20 -19.56 30.04 4.25
C THR A 20 -19.31 29.41 2.90
N ARG A 21 -19.26 28.07 2.90
CA ARG A 21 -19.20 27.26 1.65
C ARG A 21 -20.56 26.62 1.45
N VAL A 22 -21.10 26.69 0.25
CA VAL A 22 -22.43 26.09 -0.01
C VAL A 22 -22.23 24.82 -0.82
N ASP A 23 -22.58 23.70 -0.22
CA ASP A 23 -22.41 22.37 -0.84
C ASP A 23 -23.77 21.91 -1.36
N ASP A 24 -23.94 21.91 -2.69
CA ASP A 24 -25.22 21.52 -3.33
C ASP A 24 -25.48 20.02 -3.26
N TYR A 25 -24.47 19.16 -2.98
CA TYR A 25 -24.56 17.70 -3.11
C TYR A 25 -24.22 17.02 -1.77
N TYR A 26 -24.23 17.76 -0.66
CA TYR A 26 -23.92 17.22 0.69
C TYR A 26 -24.77 15.99 0.97
N TRP A 27 -26.01 16.00 0.47
CA TRP A 27 -27.00 14.87 0.66
C TRP A 27 -26.55 13.54 0.00
N LEU A 28 -25.52 13.50 -0.86
CA LEU A 28 -25.09 12.25 -1.52
C LEU A 28 -24.42 11.37 -0.49
N ARG A 29 -24.03 11.93 0.66
CA ARG A 29 -23.56 11.17 1.84
C ARG A 29 -24.78 10.58 2.56
N ASP A 30 -24.83 9.27 2.61
CA ASP A 30 -25.80 8.55 3.46
C ASP A 30 -25.03 7.42 4.12
N ASP A 31 -24.63 7.60 5.38
CA ASP A 31 -23.82 6.61 6.15
C ASP A 31 -24.56 5.28 6.24
N GLU A 32 -25.90 5.30 6.29
CA GLU A 32 -26.71 4.06 6.40
C GLU A 32 -26.72 3.35 5.03
N ARG A 33 -26.45 4.10 3.94
CA ARG A 33 -26.24 3.65 2.53
C ARG A 33 -27.56 3.14 1.89
N THR A 34 -28.71 3.57 2.41
CA THR A 34 -30.06 3.08 1.98
C THR A 34 -30.91 4.17 1.29
N ASP A 35 -30.52 5.45 1.36
CA ASP A 35 -31.33 6.56 0.78
C ASP A 35 -31.58 6.21 -0.69
N PRO A 36 -32.86 6.04 -1.12
CA PRO A 36 -33.13 5.60 -2.49
C PRO A 36 -32.72 6.66 -3.51
N GLN A 37 -32.73 7.94 -3.14
CA GLN A 37 -32.33 9.04 -4.05
C GLN A 37 -30.82 8.96 -4.31
N VAL A 38 -30.06 8.68 -3.27
CA VAL A 38 -28.58 8.52 -3.41
C VAL A 38 -28.30 7.32 -4.32
N LEU A 39 -28.89 6.16 -4.07
CA LEU A 39 -28.62 4.96 -4.92
C LEU A 39 -29.07 5.23 -6.36
N ASP A 40 -30.17 5.95 -6.57
CA ASP A 40 -30.66 6.28 -7.93
C ASP A 40 -29.56 7.06 -8.67
N TYR A 41 -28.85 7.96 -7.99
CA TYR A 41 -27.86 8.79 -8.70
C TYR A 41 -26.64 7.95 -9.05
N LEU A 42 -26.12 7.16 -8.10
CA LEU A 42 -24.99 6.22 -8.39
C LEU A 42 -25.35 5.25 -9.53
N GLN A 43 -26.55 4.67 -9.53
CA GLN A 43 -26.97 3.70 -10.53
C GLN A 43 -27.11 4.42 -11.87
N ALA A 44 -27.70 5.62 -11.87
CA ALA A 44 -27.85 6.42 -13.08
C ALA A 44 -26.48 6.66 -13.71
N GLU A 45 -25.52 7.03 -12.88
CA GLU A 45 -24.16 7.31 -13.41
C GLU A 45 -23.54 6.02 -13.96
N ASN A 46 -23.72 4.89 -13.26
CA ASN A 46 -23.21 3.59 -13.75
C ASN A 46 -23.82 3.31 -15.12
N ALA A 47 -25.13 3.53 -15.28
CA ALA A 47 -25.80 3.23 -16.56
C ALA A 47 -25.22 4.13 -17.66
N PHE A 48 -24.94 5.41 -17.33
CA PHE A 48 -24.36 6.36 -18.28
C PHE A 48 -22.96 5.89 -18.69
N THR A 49 -22.12 5.49 -17.72
CA THR A 49 -20.77 4.97 -18.01
C THR A 49 -20.88 3.76 -18.96
N ASP A 50 -21.73 2.79 -18.61
CA ASP A 50 -21.99 1.58 -19.42
C ASP A 50 -22.34 2.01 -20.85
N ALA A 51 -23.27 2.94 -20.96
CA ALA A 51 -23.78 3.43 -22.25
C ALA A 51 -22.65 4.13 -23.03
N ALA A 52 -21.90 5.03 -22.40
CA ALA A 52 -20.84 5.83 -23.06
C ALA A 52 -19.68 4.92 -23.49
N LEU A 53 -19.35 3.88 -22.72
CA LEU A 53 -18.17 3.05 -23.02
C LEU A 53 -18.57 1.79 -23.82
N LYS A 54 -19.82 1.68 -24.26
CA LYS A 54 -20.25 0.42 -24.95
C LYS A 54 -19.43 0.10 -26.19
N PRO A 55 -19.05 1.12 -27.00
CA PRO A 55 -18.25 0.85 -28.18
C PRO A 55 -16.85 0.27 -27.91
N GLN A 56 -16.41 0.35 -26.66
CA GLN A 56 -15.04 -0.09 -26.21
C GLN A 56 -15.11 -1.54 -25.70
N GLN A 57 -16.27 -2.21 -25.77
CA GLN A 57 -16.38 -3.60 -25.30
C GLN A 57 -15.32 -4.50 -25.96
N ALA A 58 -15.22 -4.51 -27.30
CA ALA A 58 -14.28 -5.38 -28.03
C ALA A 58 -12.85 -5.10 -27.52
N LEU A 59 -12.49 -3.82 -27.38
CA LEU A 59 -11.14 -3.44 -26.87
C LEU A 59 -10.97 -3.93 -25.43
N ARG A 60 -11.99 -3.81 -24.60
CA ARG A 60 -11.89 -4.31 -23.21
C ARG A 60 -11.64 -5.81 -23.19
N GLU A 61 -12.32 -6.55 -24.07
CA GLU A 61 -12.11 -8.01 -24.13
C GLU A 61 -10.66 -8.28 -24.56
N THR A 62 -10.18 -7.60 -25.58
CA THR A 62 -8.83 -7.79 -26.14
C THR A 62 -7.83 -7.54 -25.01
N LEU A 63 -8.00 -6.44 -24.29
CA LEU A 63 -7.05 -6.04 -23.20
C LEU A 63 -7.12 -7.07 -22.08
N TYR A 64 -8.31 -7.40 -21.60
CA TYR A 64 -8.47 -8.43 -20.54
C TYR A 64 -7.72 -9.71 -20.93
N GLU A 65 -7.95 -10.20 -22.16
CA GLU A 65 -7.42 -11.53 -22.60
C GLU A 65 -5.89 -11.45 -22.64
N GLU A 66 -5.33 -10.35 -23.17
CA GLU A 66 -3.87 -10.25 -23.36
C GLU A 66 -3.22 -10.05 -21.99
N MET A 67 -3.92 -9.42 -21.04
CA MET A 67 -3.35 -9.26 -19.69
C MET A 67 -3.30 -10.62 -18.98
N VAL A 68 -4.40 -11.39 -19.05
CA VAL A 68 -4.45 -12.71 -18.36
C VAL A 68 -3.48 -13.65 -19.08
N ALA A 69 -3.29 -13.48 -20.38
CA ALA A 69 -2.43 -14.38 -21.19
C ALA A 69 -0.95 -14.24 -20.78
N ARG A 70 -0.53 -13.12 -20.17
CA ARG A 70 0.89 -12.98 -19.71
C ARG A 70 1.17 -13.79 -18.43
N GLU A 71 0.12 -14.11 -17.66
N GLU A 71 0.11 -14.13 -17.69
CA GLU A 71 0.24 -14.65 -16.29
CA GLU A 71 0.21 -14.68 -16.31
C GLU A 71 0.15 -16.19 -16.32
C GLU A 71 0.16 -16.21 -16.34
N ASN A 72 0.97 -16.85 -15.49
CA ASN A 72 0.95 -18.32 -15.29
C ASN A 72 -0.14 -18.67 -14.28
N LEU A 73 -1.15 -19.40 -14.76
CA LEU A 73 -2.18 -20.14 -13.99
C LEU A 73 -1.55 -20.86 -12.79
N TYR A 74 -0.52 -21.68 -13.03
CA TYR A 74 0.23 -22.42 -11.97
C TYR A 74 1.26 -21.47 -11.35
N PHE A 75 1.09 -21.12 -10.07
CA PHE A 75 2.06 -20.34 -9.26
C PHE A 75 2.43 -21.16 -8.02
N GLN A 76 3.72 -21.34 -7.79
CA GLN A 76 4.21 -21.95 -6.51
C GLN A 76 5.18 -20.94 -5.89
N SER A 77 5.03 -20.67 -4.60
CA SER A 77 5.96 -19.75 -3.90
C SER A 77 7.34 -20.44 -3.80
N VAL A 78 8.34 -19.62 -3.48
CA VAL A 78 9.68 -20.15 -3.14
C VAL A 78 9.54 -20.79 -1.77
N PRO A 79 9.97 -22.06 -1.61
CA PRO A 79 9.89 -22.71 -0.30
C PRO A 79 10.80 -21.98 0.68
N TYR A 80 10.36 -21.82 1.92
CA TYR A 80 11.23 -21.32 3.00
C TYR A 80 11.15 -22.34 4.13
N VAL A 81 12.16 -22.28 4.99
CA VAL A 81 12.26 -23.17 6.18
C VAL A 81 12.13 -22.30 7.41
N ARG A 82 11.32 -22.77 8.37
CA ARG A 82 11.14 -22.14 9.68
C ARG A 82 10.90 -23.27 10.69
N HIS A 83 11.71 -23.27 11.74
CA HIS A 83 11.60 -24.27 12.85
C HIS A 83 11.52 -25.69 12.30
N GLY A 84 12.39 -26.03 11.32
CA GLY A 84 12.61 -27.39 10.88
C GLY A 84 11.56 -27.89 9.92
N TYR A 85 10.67 -27.03 9.41
CA TYR A 85 9.69 -27.39 8.37
C TYR A 85 9.86 -26.46 7.18
N ARG A 86 9.55 -26.98 5.99
CA ARG A 86 9.59 -26.26 4.70
C ARG A 86 8.16 -25.98 4.24
N TYR A 87 7.88 -24.74 3.86
CA TYR A 87 6.54 -24.17 3.58
C TYR A 87 6.50 -23.74 2.12
N GLN A 88 5.43 -24.13 1.43
CA GLN A 88 5.15 -23.65 0.06
C GLN A 88 3.68 -23.27 -0.07
N THR A 89 3.41 -22.25 -0.89
CA THR A 89 2.04 -21.80 -1.22
C THR A 89 1.79 -22.13 -2.67
N ARG A 90 0.65 -22.74 -2.98
CA ARG A 90 0.37 -23.28 -4.34
C ARG A 90 -0.98 -22.79 -4.85
N PHE A 91 -0.98 -22.29 -6.09
CA PHE A 91 -2.19 -21.88 -6.85
C PHE A 91 -2.35 -22.83 -8.03
N GLU A 92 -3.51 -23.47 -8.15
CA GLU A 92 -3.83 -24.34 -9.31
C GLU A 92 -4.85 -23.60 -10.16
N PRO A 93 -4.81 -23.75 -11.50
CA PRO A 93 -5.85 -23.20 -12.38
C PRO A 93 -7.15 -23.94 -12.03
N GLY A 94 -8.27 -23.23 -11.91
CA GLY A 94 -9.54 -23.85 -11.47
C GLY A 94 -9.57 -24.13 -9.97
N ASN A 95 -8.56 -23.67 -9.21
CA ASN A 95 -8.73 -23.40 -7.76
C ASN A 95 -8.89 -21.89 -7.61
N GLU A 96 -9.88 -21.45 -6.83
CA GLU A 96 -10.09 -20.00 -6.55
C GLU A 96 -9.02 -19.50 -5.57
N TYR A 97 -8.62 -20.32 -4.58
CA TYR A 97 -7.73 -19.88 -3.48
C TYR A 97 -6.48 -20.75 -3.45
N ALA A 98 -5.44 -20.22 -2.81
CA ALA A 98 -4.15 -20.91 -2.58
C ALA A 98 -4.36 -22.07 -1.61
N ILE A 99 -3.51 -23.09 -1.74
CA ILE A 99 -3.31 -24.19 -0.75
C ILE A 99 -1.93 -24.01 -0.11
N TYR A 100 -1.87 -24.09 1.21
CA TYR A 100 -0.61 -23.89 1.99
C TYR A 100 -0.15 -25.27 2.42
N VAL A 101 1.06 -25.66 2.04
CA VAL A 101 1.58 -27.03 2.37
C VAL A 101 2.86 -26.91 3.15
N ARG A 102 3.28 -28.04 3.74
CA ARG A 102 4.59 -28.08 4.38
C ARG A 102 5.09 -29.51 4.48
N GLN A 103 6.38 -29.61 4.82
CA GLN A 103 7.03 -30.92 5.02
C GLN A 103 8.19 -30.69 5.97
N PRO A 104 8.60 -31.75 6.70
CA PRO A 104 9.82 -31.66 7.48
C PRO A 104 11.00 -31.29 6.56
N GLN A 105 11.90 -30.50 7.11
CA GLN A 105 13.07 -29.97 6.37
C GLN A 105 13.86 -31.14 5.77
N ALA A 106 13.99 -32.26 6.47
CA ALA A 106 14.81 -33.39 5.98
C ALA A 106 14.04 -34.23 4.95
N GLU A 107 12.76 -33.91 4.68
CA GLU A 107 11.87 -34.63 3.72
C GLU A 107 11.92 -33.90 2.37
N SER A 108 11.75 -34.64 1.27
CA SER A 108 11.69 -34.14 -0.14
C SER A 108 10.35 -34.48 -0.79
N GLU A 109 9.97 -35.75 -0.68
CA GLU A 109 8.89 -36.42 -1.46
C GLU A 109 7.52 -35.85 -1.07
N HIS A 110 7.10 -36.03 0.18
CA HIS A 110 5.69 -35.87 0.60
C HIS A 110 5.46 -34.47 1.17
N TRP A 111 4.36 -33.84 0.77
CA TRP A 111 3.90 -32.58 1.37
C TRP A 111 2.54 -32.78 2.06
N ASP A 112 2.38 -32.20 3.25
CA ASP A 112 1.13 -32.19 4.04
C ASP A 112 0.39 -30.88 3.79
N THR A 113 -0.92 -30.95 3.61
CA THR A 113 -1.74 -29.73 3.46
C THR A 113 -1.87 -29.12 4.84
N LEU A 114 -1.52 -27.85 5.00
CA LEU A 114 -1.78 -27.12 6.25
C LEU A 114 -3.18 -26.57 6.23
N ILE A 115 -3.49 -25.83 5.16
CA ILE A 115 -4.84 -25.23 4.99
C ILE A 115 -5.08 -25.10 3.49
N ASP A 116 -6.27 -25.50 3.05
CA ASP A 116 -6.73 -25.37 1.66
C ASP A 116 -7.79 -24.27 1.69
N GLY A 117 -7.49 -23.08 1.17
CA GLY A 117 -8.43 -21.95 1.16
C GLY A 117 -9.74 -22.33 0.46
N ASN A 118 -9.68 -23.24 -0.50
CA ASN A 118 -10.89 -23.66 -1.27
C ASN A 118 -11.84 -24.45 -0.36
N GLN A 119 -11.31 -25.31 0.50
CA GLN A 119 -12.08 -26.06 1.51
C GLN A 119 -12.62 -25.09 2.57
N ARG A 120 -11.84 -24.08 2.97
CA ARG A 120 -12.28 -23.14 4.05
C ARG A 120 -13.40 -22.25 3.52
N ALA A 121 -13.39 -21.96 2.22
CA ALA A 121 -14.34 -21.04 1.55
C ALA A 121 -15.63 -21.80 1.20
N GLU A 122 -15.65 -23.12 1.31
CA GLU A 122 -16.86 -23.93 0.98
C GLU A 122 -18.06 -23.41 1.79
N GLN A 123 -19.18 -23.13 1.09
CA GLN A 123 -20.48 -22.74 1.68
C GLN A 123 -20.37 -21.38 2.36
N ARG A 124 -19.42 -20.54 1.93
CA ARG A 124 -19.29 -19.16 2.44
C ARG A 124 -19.44 -18.18 1.28
N GLU A 125 -19.86 -16.95 1.55
CA GLU A 125 -20.01 -15.90 0.51
C GLU A 125 -18.66 -15.25 0.22
N PHE A 126 -17.77 -15.23 1.21
CA PHE A 126 -16.51 -14.47 1.18
C PHE A 126 -15.45 -15.28 1.92
N TYR A 127 -14.20 -15.16 1.49
CA TYR A 127 -13.02 -15.77 2.19
C TYR A 127 -11.78 -14.91 1.90
N THR A 128 -11.10 -14.48 2.97
CA THR A 128 -9.74 -13.90 2.92
C THR A 128 -8.93 -14.52 4.06
N LEU A 129 -7.79 -15.13 3.74
CA LEU A 129 -6.81 -15.57 4.74
C LEU A 129 -5.93 -14.37 5.11
N GLY A 130 -6.03 -13.92 6.34
CA GLY A 130 -5.34 -12.74 6.90
C GLY A 130 -3.97 -13.13 7.43
N GLY A 131 -3.79 -14.40 7.75
CA GLY A 131 -2.45 -14.87 8.15
C GLY A 131 -2.51 -16.21 8.83
N LEU A 132 -1.34 -16.83 8.98
CA LEU A 132 -1.18 -18.27 9.21
C LEU A 132 0.12 -18.40 10.00
N GLU A 133 0.14 -19.12 11.11
CA GLU A 133 1.44 -19.41 11.72
C GLU A 133 1.36 -20.65 12.61
N VAL A 134 2.29 -21.56 12.37
CA VAL A 134 2.43 -22.76 13.23
C VAL A 134 3.12 -22.34 14.53
N SER A 135 2.76 -23.01 15.62
CA SER A 135 3.34 -22.87 16.96
C SER A 135 4.81 -23.30 16.94
N PRO A 136 5.61 -22.78 17.88
CA PRO A 136 7.01 -23.16 18.01
C PRO A 136 7.25 -24.69 18.04
N ASP A 137 6.33 -25.45 18.64
CA ASP A 137 6.50 -26.93 18.76
C ASP A 137 5.99 -27.69 17.52
N ASN A 138 5.56 -27.00 16.46
CA ASN A 138 5.15 -27.60 15.17
C ASN A 138 3.82 -28.37 15.27
N GLN A 139 3.10 -28.25 16.39
CA GLN A 139 1.89 -29.10 16.67
C GLN A 139 0.59 -28.37 16.35
N LYS A 140 0.53 -27.03 16.38
CA LYS A 140 -0.74 -26.27 16.22
C LYS A 140 -0.61 -25.20 15.13
N LEU A 141 -1.65 -25.03 14.33
CA LEU A 141 -1.70 -23.97 13.32
C LEU A 141 -2.71 -22.93 13.79
N ALA A 142 -2.29 -21.68 13.90
CA ALA A 142 -3.21 -20.54 14.12
C ALA A 142 -3.50 -19.87 12.77
N VAL A 143 -4.77 -19.51 12.53
CA VAL A 143 -5.15 -18.86 11.25
C VAL A 143 -6.07 -17.71 11.58
N ALA A 144 -5.90 -16.62 10.84
CA ALA A 144 -6.80 -15.47 10.94
C ALA A 144 -7.57 -15.44 9.62
N GLU A 145 -8.90 -15.57 9.68
CA GLU A 145 -9.75 -15.65 8.46
C GLU A 145 -10.88 -14.62 8.56
N ASP A 146 -11.22 -14.01 7.43
CA ASP A 146 -12.42 -13.14 7.31
C ASP A 146 -13.41 -13.81 6.34
N PHE A 147 -14.59 -14.11 6.86
CA PHE A 147 -15.67 -14.77 6.10
C PHE A 147 -16.73 -13.73 5.73
N LEU A 148 -16.57 -12.47 6.15
CA LEU A 148 -17.68 -11.47 6.08
C LEU A 148 -17.31 -10.27 5.22
N SER A 149 -16.02 -10.09 4.90
CA SER A 149 -15.46 -9.06 3.99
C SER A 149 -15.16 -7.74 4.73
N ARG A 150 -15.36 -7.67 6.05
CA ARG A 150 -15.29 -6.39 6.83
C ARG A 150 -13.88 -6.16 7.41
N ARG A 151 -12.90 -6.97 6.99
CA ARG A 151 -11.50 -6.95 7.53
C ARG A 151 -11.53 -7.12 9.05
N GLN A 152 -12.52 -7.83 9.60
CA GLN A 152 -12.55 -8.32 10.99
C GLN A 152 -12.21 -9.82 10.95
N TYR A 153 -11.09 -10.21 11.55
CA TYR A 153 -10.54 -11.57 11.41
C TYR A 153 -10.94 -12.43 12.61
N ASP A 154 -11.42 -13.61 12.32
CA ASP A 154 -11.63 -14.71 13.30
C ASP A 154 -10.30 -15.48 13.37
N ILE A 155 -9.85 -15.80 14.57
CA ILE A 155 -8.65 -16.66 14.73
C ILE A 155 -9.14 -18.00 15.25
N ARG A 156 -8.68 -19.06 14.61
CA ARG A 156 -9.03 -20.46 14.95
C ARG A 156 -7.74 -21.27 15.02
N PHE A 157 -7.79 -22.48 15.60
CA PHE A 157 -6.57 -23.29 15.87
C PHE A 157 -6.82 -24.72 15.42
N LYS A 158 -5.85 -25.24 14.68
CA LYS A 158 -5.94 -26.60 14.12
C LYS A 158 -4.87 -27.44 14.79
N ASN A 159 -5.25 -28.62 15.27
CA ASN A 159 -4.33 -29.66 15.78
C ASN A 159 -3.70 -30.38 14.60
N LEU A 160 -2.40 -30.22 14.35
CA LEU A 160 -1.84 -30.76 13.10
C LEU A 160 -1.68 -32.29 13.22
N SER A 161 -1.62 -32.83 14.43
CA SER A 161 -1.48 -34.30 14.67
C SER A 161 -2.60 -35.09 13.96
N ASP A 162 -3.86 -34.63 13.96
CA ASP A 162 -5.00 -35.38 13.36
C ASP A 162 -5.87 -34.50 12.43
N ASP A 163 -5.45 -33.25 12.21
CA ASP A 163 -6.15 -32.30 11.32
C ASP A 163 -7.51 -31.92 11.93
N SER A 164 -7.68 -32.04 13.26
CA SER A 164 -8.90 -31.58 13.97
C SER A 164 -8.76 -30.09 14.30
N TRP A 165 -9.87 -29.39 14.35
CA TRP A 165 -9.91 -27.99 14.84
C TRP A 165 -10.33 -27.97 16.30
N THR A 166 -9.83 -27.00 17.05
CA THR A 166 -10.30 -26.72 18.43
C THR A 166 -11.69 -26.07 18.30
N ASP A 167 -12.38 -25.87 19.43
CA ASP A 167 -13.81 -25.48 19.41
C ASP A 167 -14.00 -23.96 19.39
N GLU A 168 -12.98 -23.17 19.76
CA GLU A 168 -13.13 -21.72 20.02
C GLU A 168 -12.77 -20.91 18.77
N VAL A 169 -13.31 -19.69 18.73
CA VAL A 169 -13.00 -18.67 17.70
C VAL A 169 -12.70 -17.39 18.46
N LEU A 170 -11.60 -16.73 18.11
CA LEU A 170 -11.32 -15.37 18.61
C LEU A 170 -11.87 -14.39 17.57
N GLU A 171 -12.86 -13.58 17.95
CA GLU A 171 -13.62 -12.80 16.95
C GLU A 171 -13.21 -11.31 16.95
N ASN A 172 -13.44 -10.63 15.82
CA ASN A 172 -13.25 -9.16 15.66
C ASN A 172 -11.80 -8.84 16.02
N THR A 173 -10.86 -9.63 15.51
CA THR A 173 -9.41 -9.31 15.70
C THR A 173 -8.85 -8.62 14.45
N SER A 174 -7.70 -7.98 14.61
CA SER A 174 -6.94 -7.35 13.50
C SER A 174 -6.23 -8.42 12.65
N GLY A 175 -6.21 -9.68 13.12
CA GLY A 175 -5.45 -10.77 12.47
C GLY A 175 -4.01 -10.83 12.98
N SER A 176 -3.60 -9.86 13.80
CA SER A 176 -2.26 -9.79 14.43
C SER A 176 -2.23 -10.68 15.68
N PHE A 177 -1.35 -11.69 15.70
CA PHE A 177 -1.24 -12.58 16.89
C PHE A 177 0.20 -13.08 16.95
N GLU A 178 0.60 -13.52 18.13
CA GLU A 178 1.94 -14.16 18.32
C GLU A 178 1.78 -15.32 19.29
N TRP A 179 2.54 -16.38 19.03
CA TRP A 179 2.65 -17.55 19.93
C TRP A 179 3.67 -17.24 21.03
N ALA A 180 3.29 -17.56 22.25
CA ALA A 180 4.28 -17.70 23.35
C ALA A 180 5.10 -18.94 23.05
N ASN A 181 6.23 -19.07 23.73
CA ASN A 181 7.20 -20.16 23.46
C ASN A 181 6.69 -21.48 24.01
N ASP A 182 5.56 -21.46 24.73
CA ASP A 182 4.93 -22.68 25.30
C ASP A 182 4.04 -23.36 24.26
N SER A 183 3.79 -22.75 23.09
CA SER A 183 2.92 -23.32 22.03
C SER A 183 1.50 -23.60 22.57
N ALA A 184 1.06 -22.83 23.56
CA ALA A 184 -0.23 -23.08 24.24
C ALA A 184 -0.95 -21.75 24.45
N THR A 185 -0.17 -20.68 24.55
CA THR A 185 -0.66 -19.30 24.79
C THR A 185 -0.46 -18.46 23.52
N VAL A 186 -1.46 -17.68 23.14
CA VAL A 186 -1.30 -16.68 22.04
C VAL A 186 -1.73 -15.32 22.55
N TYR A 187 -1.01 -14.31 22.09
CA TYR A 187 -1.45 -12.91 22.23
C TYR A 187 -2.14 -12.53 20.93
N TYR A 188 -3.22 -11.74 21.01
CA TYR A 188 -3.88 -11.26 19.78
C TYR A 188 -4.45 -9.85 20.00
N VAL A 189 -4.75 -9.17 18.90
CA VAL A 189 -5.23 -7.75 18.93
C VAL A 189 -6.72 -7.76 18.60
N ARG A 190 -7.51 -7.15 19.48
CA ARG A 190 -8.98 -7.01 19.29
C ARG A 190 -9.25 -5.60 18.76
N LYS A 191 -10.16 -5.49 17.81
CA LYS A 191 -10.60 -4.19 17.20
C LYS A 191 -11.69 -3.59 18.10
N HIS A 192 -11.80 -2.27 18.12
CA HIS A 192 -12.90 -1.52 18.80
C HIS A 192 -14.22 -1.86 18.10
N ALA A 193 -15.19 -2.38 18.87
CA ALA A 193 -16.54 -2.76 18.38
C ALA A 193 -17.38 -1.48 18.25
N LYS A 194 -16.97 -0.62 17.32
CA LYS A 194 -17.68 0.61 16.84
C LYS A 194 -16.81 1.23 15.74
N THR A 195 -15.61 1.70 16.09
CA THR A 195 -14.62 2.33 15.16
C THR A 195 -13.80 1.27 14.42
N LEU A 196 -13.75 0.03 14.94
CA LEU A 196 -12.99 -1.13 14.39
C LEU A 196 -11.48 -0.85 14.36
N LEU A 197 -10.97 0.18 15.05
CA LEU A 197 -9.51 0.38 15.20
C LEU A 197 -8.96 -0.66 16.18
N PRO A 198 -7.76 -1.18 15.92
CA PRO A 198 -7.14 -2.13 16.86
C PRO A 198 -6.75 -1.38 18.15
N TYR A 199 -7.12 -1.90 19.32
CA TYR A 199 -7.01 -1.14 20.60
C TYR A 199 -6.80 -2.04 21.82
N GLN A 200 -7.01 -3.37 21.80
CA GLN A 200 -6.70 -4.17 23.00
C GLN A 200 -5.83 -5.40 22.66
N VAL A 201 -4.94 -5.74 23.57
CA VAL A 201 -4.14 -6.99 23.49
C VAL A 201 -4.70 -7.97 24.52
N TYR A 202 -5.10 -9.15 24.07
CA TYR A 202 -5.55 -10.27 24.92
C TYR A 202 -4.52 -11.40 24.88
N ARG A 203 -4.50 -12.16 25.98
CA ARG A 203 -3.81 -13.46 26.08
C ARG A 203 -4.84 -14.59 26.09
N HIS A 204 -4.71 -15.55 25.18
CA HIS A 204 -5.64 -16.70 25.07
C HIS A 204 -4.91 -18.02 25.28
N VAL A 205 -5.47 -18.94 26.07
CA VAL A 205 -4.95 -20.34 26.07
C VAL A 205 -5.69 -21.11 25.00
N VAL A 206 -4.96 -21.71 24.08
CA VAL A 206 -5.56 -22.49 22.96
C VAL A 206 -6.44 -23.61 23.55
N GLY A 207 -7.63 -23.79 22.97
CA GLY A 207 -8.56 -24.86 23.37
C GLY A 207 -9.67 -24.33 24.25
N THR A 208 -9.45 -23.21 24.94
CA THR A 208 -10.30 -22.68 26.04
C THR A 208 -11.32 -21.67 25.53
N ASP A 209 -12.34 -21.45 26.34
CA ASP A 209 -13.42 -20.49 26.07
C ASP A 209 -12.82 -19.09 26.05
N PRO A 210 -12.93 -18.30 24.96
CA PRO A 210 -12.32 -16.97 24.93
C PRO A 210 -12.85 -15.99 25.99
N GLN A 211 -13.98 -16.31 26.62
CA GLN A 211 -14.44 -15.53 27.79
C GLN A 211 -13.36 -15.53 28.87
N LEU A 212 -12.50 -16.56 28.95
CA LEU A 212 -11.44 -16.63 29.98
C LEU A 212 -10.19 -15.83 29.58
N ASP A 213 -10.14 -15.21 28.39
CA ASP A 213 -8.93 -14.48 27.91
C ASP A 213 -8.65 -13.27 28.80
N GLU A 214 -7.38 -12.96 29.04
CA GLU A 214 -6.94 -11.86 29.94
C GLU A 214 -6.60 -10.61 29.11
N LEU A 215 -7.10 -9.44 29.52
CA LEU A 215 -6.80 -8.14 28.84
C LEU A 215 -5.42 -7.68 29.30
N ILE A 216 -4.46 -7.66 28.39
CA ILE A 216 -3.04 -7.37 28.71
C ILE A 216 -2.81 -5.87 28.60
N TYR A 217 -3.34 -5.24 27.57
CA TYR A 217 -3.10 -3.80 27.35
C TYR A 217 -4.26 -3.20 26.54
N GLU A 218 -4.63 -1.96 26.87
CA GLU A 218 -5.61 -1.15 26.13
C GLU A 218 -4.97 0.20 25.79
N GLU A 219 -5.00 0.57 24.51
CA GLU A 219 -4.45 1.85 24.00
C GLU A 219 -5.55 2.92 24.15
N GLN A 220 -5.22 4.06 24.77
CA GLN A 220 -6.21 5.13 25.07
C GLN A 220 -6.27 6.14 23.92
N ASP A 221 -5.22 6.30 23.12
CA ASP A 221 -5.21 7.25 21.96
C ASP A 221 -5.43 6.47 20.64
N ASP A 222 -6.59 6.65 19.97
CA ASP A 222 -6.99 5.83 18.80
C ASP A 222 -6.30 6.31 17.53
N THR A 223 -5.39 7.28 17.66
CA THR A 223 -4.47 7.66 16.55
C THR A 223 -3.27 6.69 16.55
N PHE A 224 -3.14 5.88 17.60
CA PHE A 224 -2.07 4.84 17.69
C PHE A 224 -2.63 3.46 17.31
N TYR A 225 -2.05 2.90 16.27
CA TYR A 225 -2.29 1.52 15.78
C TYR A 225 -1.67 0.57 16.81
N VAL A 226 -2.36 -0.51 17.15
CA VAL A 226 -1.83 -1.59 18.03
C VAL A 226 -1.50 -2.82 17.20
N GLY A 227 -0.22 -3.20 17.14
CA GLY A 227 0.25 -4.40 16.45
C GLY A 227 1.08 -5.24 17.38
N LEU A 228 1.22 -6.52 17.05
CA LEU A 228 2.11 -7.43 17.81
C LEU A 228 3.24 -7.90 16.89
N GLU A 229 4.41 -8.09 17.46
CA GLU A 229 5.62 -8.63 16.80
C GLU A 229 6.29 -9.63 17.74
N LYS A 230 7.19 -10.41 17.19
CA LYS A 230 8.04 -11.33 18.03
C LYS A 230 9.50 -11.10 17.63
N THR A 231 10.40 -11.03 18.59
CA THR A 231 11.79 -10.62 18.30
C THR A 231 12.51 -11.78 17.64
N THR A 232 13.57 -11.45 16.93
CA THR A 232 14.42 -12.45 16.22
C THR A 232 14.88 -13.51 17.25
N SER A 233 15.17 -13.08 18.46
CA SER A 233 15.67 -13.96 19.56
C SER A 233 14.59 -14.92 20.07
N ASP A 234 13.32 -14.66 19.76
CA ASP A 234 12.11 -15.28 20.33
C ASP A 234 11.96 -14.95 21.80
N ARG A 235 12.79 -14.09 22.40
CA ARG A 235 12.70 -13.87 23.87
C ARG A 235 11.51 -12.95 24.22
N PHE A 236 11.09 -12.07 23.32
CA PHE A 236 10.02 -11.08 23.64
C PHE A 236 8.95 -11.06 22.56
N ILE A 237 7.71 -10.93 23.00
CA ILE A 237 6.58 -10.45 22.15
C ILE A 237 6.46 -8.95 22.41
N LEU A 238 6.39 -8.17 21.33
CA LEU A 238 6.31 -6.69 21.36
C LEU A 238 4.87 -6.26 21.11
N ILE A 239 4.39 -5.37 21.98
CA ILE A 239 3.19 -4.54 21.71
C ILE A 239 3.71 -3.26 21.04
N HIS A 240 3.42 -3.13 19.75
CA HIS A 240 3.98 -2.03 18.92
C HIS A 240 2.88 -1.00 18.72
N LEU A 241 3.01 0.13 19.41
CA LEU A 241 2.00 1.24 19.41
C LEU A 241 2.52 2.34 18.49
N SER A 242 1.82 2.77 17.44
CA SER A 242 2.37 3.89 16.63
C SER A 242 1.28 4.70 15.92
N SER A 243 1.49 6.01 15.92
CA SER A 243 0.76 6.99 15.08
C SER A 243 1.65 7.28 13.88
N THR A 244 1.24 8.22 13.04
CA THR A 244 1.99 8.66 11.85
C THR A 244 3.36 9.20 12.29
N THR A 245 3.45 9.73 13.51
CA THR A 245 4.62 10.52 13.98
C THR A 245 5.31 9.90 15.20
N THR A 246 4.62 9.06 15.98
CA THR A 246 5.01 8.73 17.39
C THR A 246 4.84 7.23 17.65
N SER A 247 5.84 6.60 18.26
CA SER A 247 5.91 5.17 18.59
C SER A 247 6.02 4.97 20.09
N GLU A 248 5.60 3.79 20.54
CA GLU A 248 5.92 3.25 21.89
C GLU A 248 5.87 1.73 21.78
N ILE A 249 6.84 1.06 22.40
CA ILE A 249 6.91 -0.43 22.42
C ILE A 249 6.87 -0.89 23.87
N LEU A 250 6.09 -1.95 24.13
CA LEU A 250 6.03 -2.68 25.40
C LEU A 250 6.47 -4.12 25.14
N LEU A 251 7.24 -4.65 26.09
CA LEU A 251 7.82 -6.00 25.96
C LEU A 251 7.06 -7.00 26.83
N LEU A 252 6.75 -8.17 26.26
CA LEU A 252 6.17 -9.34 26.95
C LEU A 252 7.22 -10.48 26.91
N ASP A 253 7.65 -10.94 28.07
CA ASP A 253 8.52 -12.13 28.17
C ASP A 253 7.81 -13.29 27.49
N ALA A 254 8.37 -13.84 26.42
CA ALA A 254 7.70 -14.93 25.67
C ALA A 254 7.88 -16.31 26.31
N ASP A 255 8.66 -16.44 27.38
CA ASP A 255 9.06 -17.74 27.95
C ASP A 255 8.37 -17.98 29.30
N ARG A 256 8.01 -16.93 30.01
CA ARG A 256 7.57 -17.10 31.42
C ARG A 256 6.07 -16.87 31.43
N ALA A 257 5.39 -17.42 32.43
CA ALA A 257 3.94 -17.32 32.62
C ALA A 257 3.61 -15.95 33.22
N ASP A 258 2.43 -15.43 32.93
CA ASP A 258 1.86 -14.25 33.66
C ASP A 258 2.64 -12.98 33.29
N SER A 259 3.38 -12.96 32.18
CA SER A 259 4.08 -11.74 31.70
C SER A 259 3.13 -10.54 31.74
N THR A 260 3.63 -9.38 32.18
CA THR A 260 2.91 -8.10 32.02
C THR A 260 3.77 -7.19 31.15
N PRO A 261 3.17 -6.21 30.45
CA PRO A 261 3.95 -5.35 29.55
C PRO A 261 4.98 -4.55 30.33
N GLN A 262 6.21 -4.54 29.81
CA GLN A 262 7.35 -3.77 30.33
C GLN A 262 7.62 -2.62 29.37
N MET A 263 7.50 -1.39 29.86
CA MET A 263 7.72 -0.19 29.01
C MET A 263 9.13 -0.26 28.39
N PHE A 264 9.27 0.06 27.08
CA PHE A 264 10.60 0.30 26.50
C PHE A 264 10.92 1.81 26.63
N VAL A 265 10.57 2.62 25.64
CA VAL A 265 10.69 4.10 25.76
C VAL A 265 9.29 4.72 25.68
N PRO A 266 8.87 5.47 26.74
CA PRO A 266 7.60 6.19 26.73
C PRO A 266 7.48 7.12 25.52
N ARG A 267 6.31 7.10 24.88
CA ARG A 267 5.96 7.92 23.70
C ARG A 267 6.30 9.38 23.96
N ARG A 268 6.76 10.04 22.91
CA ARG A 268 7.17 11.45 22.86
C ARG A 268 6.88 11.92 21.43
N LYS A 269 6.10 12.99 21.25
CA LYS A 269 5.66 13.45 19.91
C LYS A 269 6.87 13.49 18.97
N ASP A 270 6.75 12.93 17.77
CA ASP A 270 7.75 13.04 16.67
C ASP A 270 8.95 12.13 16.94
N HIS A 271 8.89 11.27 17.95
CA HIS A 271 9.93 10.23 18.11
C HIS A 271 9.34 8.94 17.57
N GLU A 272 9.83 8.49 16.43
CA GLU A 272 9.40 7.20 15.84
C GLU A 272 10.56 6.25 16.05
N TYR A 273 10.27 5.10 16.65
CA TYR A 273 11.25 4.03 16.86
C TYR A 273 10.59 2.66 16.75
N GLY A 274 11.41 1.68 16.38
CA GLY A 274 11.02 0.27 16.33
C GLY A 274 12.19 -0.56 16.80
N ILE A 275 11.92 -1.70 17.44
CA ILE A 275 13.05 -2.49 18.01
C ILE A 275 13.01 -3.95 17.58
N ASP A 276 14.15 -4.58 17.77
CA ASP A 276 14.29 -6.04 17.74
C ASP A 276 15.25 -6.41 18.86
N HIS A 277 15.39 -7.70 19.06
CA HIS A 277 16.24 -8.22 20.16
C HIS A 277 16.96 -9.45 19.63
N TYR A 278 18.26 -9.50 19.82
CA TYR A 278 19.15 -10.52 19.24
C TYR A 278 20.54 -10.41 19.88
N HIS A 279 21.20 -11.54 20.10
CA HIS A 279 22.60 -11.53 20.59
C HIS A 279 22.66 -10.72 21.90
N GLN A 280 21.64 -10.85 22.73
CA GLN A 280 21.52 -10.19 24.07
C GLN A 280 21.58 -8.67 23.96
N HIS A 281 21.18 -8.10 22.82
CA HIS A 281 21.10 -6.62 22.65
C HIS A 281 19.74 -6.26 22.06
N PHE A 282 19.27 -5.07 22.39
CA PHE A 282 18.19 -4.40 21.64
C PHE A 282 18.81 -3.68 20.47
N TYR A 283 18.16 -3.78 19.32
CA TYR A 283 18.50 -3.03 18.09
C TYR A 283 17.33 -2.09 17.85
N ILE A 284 17.61 -0.81 17.68
CA ILE A 284 16.57 0.25 17.60
C ILE A 284 16.82 1.09 16.35
N ARG A 285 15.82 1.15 15.48
CA ARG A 285 15.77 2.17 14.42
C ARG A 285 14.94 3.34 14.95
N SER A 286 15.54 4.53 15.07
CA SER A 286 14.96 5.71 15.76
C SER A 286 15.34 6.98 15.02
N ASN A 287 14.41 7.94 14.98
CA ASN A 287 14.68 9.29 14.42
C ASN A 287 14.98 10.24 15.58
N LYS A 288 15.37 9.74 16.76
CA LYS A 288 15.51 10.66 17.93
C LYS A 288 16.48 11.80 17.59
N ASP A 289 17.50 11.57 16.77
CA ASP A 289 18.62 12.52 16.52
C ASP A 289 18.59 13.02 15.06
N GLY A 290 17.74 12.47 14.19
CA GLY A 290 17.67 12.97 12.80
C GLY A 290 16.54 12.35 12.04
N LYS A 291 15.94 13.12 11.12
CA LYS A 291 14.67 12.71 10.46
C LYS A 291 14.86 11.45 9.60
N ASN A 292 16.07 11.22 9.10
CA ASN A 292 16.38 10.08 8.19
C ASN A 292 16.71 8.78 8.97
N PHE A 293 16.58 8.79 10.29
CA PHE A 293 16.72 7.63 11.20
C PHE A 293 18.17 7.17 11.36
N GLY A 294 18.45 6.65 12.56
CA GLY A 294 19.69 5.98 12.87
C GLY A 294 19.40 4.62 13.46
N LEU A 295 20.44 3.81 13.55
CA LEU A 295 20.33 2.47 14.17
C LEU A 295 21.20 2.45 15.41
N TYR A 296 20.66 1.94 16.49
CA TYR A 296 21.27 1.96 17.84
C TYR A 296 21.28 0.54 18.37
N GLN A 297 22.19 0.27 19.31
CA GLN A 297 22.24 -1.01 20.05
C GLN A 297 22.15 -0.63 21.53
N SER A 298 21.38 -1.39 22.31
CA SER A 298 21.25 -1.15 23.77
C SER A 298 21.15 -2.48 24.52
N GLU A 299 21.61 -2.46 25.79
CA GLU A 299 21.40 -3.57 26.76
C GLU A 299 20.09 -3.38 27.50
N GLN A 300 19.62 -2.13 27.58
CA GLN A 300 18.43 -1.77 28.38
C GLN A 300 17.57 -0.79 27.57
N ALA A 301 16.31 -0.70 27.99
CA ALA A 301 15.28 0.22 27.44
C ALA A 301 15.81 1.66 27.42
N ASP A 302 16.42 2.11 28.51
CA ASP A 302 16.86 3.52 28.76
C ASP A 302 17.50 4.14 27.51
N GLU A 303 16.78 5.05 26.87
CA GLU A 303 17.24 5.77 25.65
C GLU A 303 18.65 6.36 25.84
N ALA A 304 19.01 6.78 27.05
CA ALA A 304 20.30 7.45 27.37
C ALA A 304 21.50 6.48 27.23
N GLN A 305 21.25 5.17 27.19
CA GLN A 305 22.26 4.08 27.09
C GLN A 305 22.34 3.51 25.66
N TRP A 306 21.51 3.99 24.73
CA TRP A 306 21.52 3.56 23.30
C TRP A 306 22.84 3.99 22.67
N GLN A 307 23.63 3.03 22.17
CA GLN A 307 24.89 3.24 21.42
C GLN A 307 24.60 3.38 19.93
N THR A 308 25.24 4.36 19.27
CA THR A 308 25.05 4.63 17.82
C THR A 308 25.80 3.58 16.99
N LEU A 309 25.08 2.81 16.17
CA LEU A 309 25.71 1.94 15.14
C LEU A 309 25.76 2.70 13.82
N ILE A 310 24.63 3.31 13.46
CA ILE A 310 24.53 4.09 12.20
C ILE A 310 23.91 5.44 12.54
N ALA A 311 24.67 6.53 12.41
CA ALA A 311 24.16 7.86 12.74
C ALA A 311 23.17 8.24 11.67
N PRO A 312 22.12 9.04 11.95
CA PRO A 312 21.29 9.60 10.89
C PRO A 312 22.12 10.50 9.97
N ARG A 313 21.81 10.45 8.67
CA ARG A 313 22.56 11.16 7.61
C ARG A 313 21.57 11.91 6.74
N ILE A 314 21.93 13.13 6.36
CA ILE A 314 21.03 13.95 5.51
C ILE A 314 20.83 13.26 4.15
N GLU A 315 21.85 12.60 3.62
CA GLU A 315 21.81 12.08 2.23
C GLU A 315 21.26 10.65 2.18
N VAL A 316 20.99 10.02 3.33
CA VAL A 316 20.58 8.58 3.30
C VAL A 316 19.44 8.35 4.28
N MET A 317 18.31 7.89 3.80
CA MET A 317 17.17 7.47 4.64
C MET A 317 17.37 6.01 5.04
N LEU A 318 17.33 5.72 6.33
CA LEU A 318 17.34 4.31 6.84
C LEU A 318 15.91 3.82 6.95
N GLU A 319 15.52 2.82 6.15
CA GLU A 319 14.13 2.29 6.13
C GLU A 319 13.90 1.07 7.02
N GLY A 320 14.89 0.19 7.13
CA GLY A 320 14.70 -1.05 7.85
C GLY A 320 15.97 -1.86 7.95
N PHE A 321 15.91 -2.97 8.68
CA PHE A 321 17.11 -3.77 8.89
C PHE A 321 16.73 -5.21 9.19
N SER A 322 17.68 -6.10 8.95
CA SER A 322 17.57 -7.52 9.33
C SER A 322 18.85 -7.93 10.02
N LEU A 323 18.72 -8.88 10.95
CA LEU A 323 19.84 -9.31 11.81
C LEU A 323 20.19 -10.77 11.49
N PHE A 324 21.47 -11.02 11.22
CA PHE A 324 22.00 -12.38 10.92
C PHE A 324 23.16 -12.68 11.87
N ARG A 325 23.54 -13.95 11.88
CA ARG A 325 24.63 -14.46 12.75
C ARG A 325 25.84 -13.53 12.71
N ASP A 326 26.32 -13.23 11.50
CA ASP A 326 27.59 -12.49 11.33
C ASP A 326 27.37 -11.09 10.75
N TRP A 327 26.15 -10.74 10.32
CA TRP A 327 25.92 -9.49 9.53
C TRP A 327 24.67 -8.76 10.01
N LEU A 328 24.79 -7.45 9.98
CA LEU A 328 23.67 -6.49 9.97
C LEU A 328 23.40 -6.19 8.50
N VAL A 329 22.15 -6.25 8.07
CA VAL A 329 21.80 -5.74 6.72
C VAL A 329 20.79 -4.64 6.89
N VAL A 330 21.05 -3.50 6.25
CA VAL A 330 20.07 -2.39 6.25
C VAL A 330 19.56 -2.11 4.84
N GLU A 331 18.35 -1.59 4.80
CA GLU A 331 17.70 -1.11 3.53
C GLU A 331 17.64 0.41 3.66
N GLU A 332 18.14 1.10 2.66
CA GLU A 332 18.34 2.55 2.69
C GLU A 332 17.86 3.17 1.39
N ARG A 333 17.68 4.49 1.41
CA ARG A 333 17.40 5.23 0.16
C ARG A 333 18.41 6.36 0.09
N SER A 334 19.00 6.55 -1.09
CA SER A 334 19.96 7.64 -1.31
C SER A 334 19.98 8.04 -2.77
N GLU A 335 19.89 9.34 -3.04
CA GLU A 335 19.96 9.90 -4.42
C GLU A 335 18.89 9.24 -5.30
N GLY A 336 17.71 8.91 -4.74
CA GLY A 336 16.55 8.41 -5.51
C GLY A 336 16.65 6.93 -5.83
N LEU A 337 17.57 6.21 -5.19
CA LEU A 337 17.76 4.75 -5.36
C LEU A 337 17.50 4.06 -4.01
N THR A 338 16.89 2.88 -4.03
CA THR A 338 16.91 1.95 -2.87
C THR A 338 18.22 1.16 -2.94
N GLN A 339 18.73 0.79 -1.77
CA GLN A 339 20.05 0.15 -1.64
C GLN A 339 19.99 -0.76 -0.41
N LEU A 340 20.79 -1.80 -0.46
CA LEU A 340 21.05 -2.65 0.71
C LEU A 340 22.54 -2.52 1.04
N ARG A 341 22.88 -2.47 2.32
CA ARG A 341 24.28 -2.49 2.80
C ARG A 341 24.38 -3.55 3.90
N GLN A 342 25.50 -4.26 3.96
CA GLN A 342 25.73 -5.27 5.03
C GLN A 342 26.96 -4.81 5.80
N ILE A 343 26.92 -5.00 7.12
CA ILE A 343 28.04 -4.60 8.02
C ILE A 343 28.34 -5.79 8.93
N HIS A 344 29.57 -6.27 8.90
CA HIS A 344 29.98 -7.43 9.73
C HIS A 344 30.03 -7.01 11.21
N TRP A 345 29.44 -7.82 12.09
CA TRP A 345 29.35 -7.50 13.55
C TRP A 345 30.75 -7.39 14.16
N GLN A 346 31.68 -8.23 13.70
CA GLN A 346 33.05 -8.34 14.28
C GLN A 346 34.06 -7.44 13.55
N SER A 347 34.20 -7.59 12.22
CA SER A 347 35.20 -6.87 11.41
C SER A 347 34.78 -5.43 11.09
N GLY A 348 33.48 -5.10 11.14
CA GLY A 348 32.97 -3.79 10.65
C GLY A 348 33.03 -3.67 9.12
N GLU A 349 33.35 -4.75 8.40
CA GLU A 349 33.41 -4.74 6.92
C GLU A 349 32.06 -4.28 6.39
N VAL A 350 32.07 -3.31 5.49
CA VAL A 350 30.82 -2.83 4.80
C VAL A 350 30.83 -3.35 3.36
N LYS A 351 29.74 -3.96 2.91
CA LYS A 351 29.51 -4.23 1.47
C LYS A 351 28.20 -3.60 1.00
N ARG A 352 28.17 -3.15 -0.26
CA ARG A 352 26.96 -2.60 -0.89
C ARG A 352 26.49 -3.62 -1.95
N ILE A 353 25.19 -3.85 -2.12
CA ILE A 353 24.75 -4.79 -3.18
C ILE A 353 24.71 -3.99 -4.48
N ALA A 354 25.51 -4.37 -5.50
CA ALA A 354 25.53 -3.73 -6.85
C ALA A 354 24.39 -4.23 -7.74
N PHE A 355 23.80 -3.29 -8.47
CA PHE A 355 22.89 -3.53 -9.64
C PHE A 355 23.40 -2.72 -10.84
N ASP A 356 22.72 -2.88 -11.96
CA ASP A 356 23.03 -2.11 -13.19
C ASP A 356 21.73 -1.76 -13.92
N ASP A 357 20.96 -0.80 -13.40
CA ASP A 357 19.69 -0.44 -14.06
C ASP A 357 19.35 0.98 -13.62
N PRO A 358 18.83 1.85 -14.50
CA PRO A 358 18.55 3.22 -14.08
C PRO A 358 17.31 3.38 -13.19
N THR A 359 16.40 2.42 -13.23
CA THR A 359 15.04 2.55 -12.64
C THR A 359 14.60 1.23 -12.01
N TYR A 360 15.16 0.94 -10.85
CA TYR A 360 14.89 -0.32 -10.13
C TYR A 360 14.64 -0.06 -8.66
N THR A 361 14.15 -1.10 -8.01
CA THR A 361 13.94 -1.13 -6.56
C THR A 361 14.53 -2.42 -6.02
N THR A 362 15.13 -2.33 -4.85
CA THR A 362 15.62 -3.51 -4.10
C THR A 362 15.15 -3.40 -2.65
N TRP A 363 14.89 -4.54 -2.03
CA TRP A 363 14.38 -4.58 -0.64
C TRP A 363 14.76 -5.88 0.06
N LEU A 364 14.74 -5.85 1.38
CA LEU A 364 14.85 -7.09 2.19
C LEU A 364 13.57 -7.90 2.03
N ALA A 365 13.73 -9.17 1.69
CA ALA A 365 12.60 -10.10 1.49
C ALA A 365 12.41 -10.86 2.80
N TYR A 366 11.80 -12.02 2.74
CA TYR A 366 11.47 -12.79 3.96
C TYR A 366 12.69 -13.58 4.45
N ASN A 367 13.13 -13.29 5.67
CA ASN A 367 14.34 -13.94 6.24
C ASN A 367 13.98 -14.41 7.66
N PRO A 368 13.22 -15.52 7.80
CA PRO A 368 12.67 -15.87 9.11
C PRO A 368 13.66 -16.49 10.10
N GLU A 369 14.87 -16.88 9.65
CA GLU A 369 15.87 -17.55 10.54
C GLU A 369 17.16 -16.73 10.50
N PRO A 370 17.71 -16.28 11.65
CA PRO A 370 18.93 -15.48 11.64
C PRO A 370 20.24 -16.27 11.53
N GLU A 371 20.24 -17.57 11.85
CA GLU A 371 21.49 -18.36 11.95
C GLU A 371 21.86 -18.85 10.56
N THR A 372 22.31 -17.94 9.71
N THR A 372 22.25 -17.93 9.68
CA THR A 372 22.53 -18.20 8.27
CA THR A 372 22.52 -18.23 8.26
C THR A 372 23.41 -17.09 7.70
C THR A 372 23.40 -17.11 7.69
N GLU A 373 24.15 -17.42 6.64
CA GLU A 373 24.89 -16.42 5.85
C GLU A 373 24.08 -16.05 4.59
N LEU A 374 22.91 -16.64 4.43
CA LEU A 374 22.11 -16.46 3.17
C LEU A 374 21.05 -15.36 3.40
N LEU A 375 21.14 -14.28 2.65
CA LEU A 375 20.15 -13.17 2.66
C LEU A 375 19.21 -13.34 1.47
N ARG A 376 17.90 -13.28 1.68
CA ARG A 376 16.93 -13.23 0.58
C ARG A 376 16.53 -11.76 0.39
N TYR A 377 16.56 -11.32 -0.84
CA TYR A 377 16.24 -9.91 -1.14
C TYR A 377 15.50 -9.90 -2.47
N GLY A 378 14.66 -8.88 -2.61
CA GLY A 378 13.89 -8.67 -3.83
C GLY A 378 14.50 -7.61 -4.70
N TYR A 379 14.19 -7.74 -5.98
CA TYR A 379 14.60 -6.81 -7.05
C TYR A 379 13.47 -6.68 -8.05
N SER A 380 13.27 -5.48 -8.57
CA SER A 380 12.34 -5.30 -9.69
C SER A 380 12.82 -4.07 -10.43
N SER A 381 12.58 -4.02 -11.74
CA SER A 381 12.81 -2.75 -12.46
C SER A 381 11.72 -2.55 -13.50
N MET A 382 11.74 -1.39 -14.17
N MET A 382 11.73 -1.38 -14.14
CA MET A 382 10.68 -1.09 -15.14
CA MET A 382 10.73 -1.00 -15.16
C MET A 382 10.83 -2.02 -16.33
C MET A 382 10.83 -2.01 -16.31
N THR A 383 11.99 -2.65 -16.50
CA THR A 383 12.27 -3.52 -17.65
C THR A 383 12.43 -4.99 -17.22
N THR A 384 12.67 -5.29 -15.94
CA THR A 384 13.05 -6.62 -15.44
C THR A 384 11.99 -7.10 -14.47
N PRO A 385 11.24 -8.17 -14.81
CA PRO A 385 10.21 -8.67 -13.91
C PRO A 385 10.79 -9.03 -12.53
N THR A 386 9.98 -8.80 -11.52
CA THR A 386 10.32 -9.00 -10.09
C THR A 386 11.01 -10.35 -9.86
N THR A 387 12.12 -10.29 -9.12
CA THR A 387 13.04 -11.44 -8.91
C THR A 387 13.33 -11.54 -7.40
N LEU A 388 13.38 -12.76 -6.92
CA LEU A 388 13.90 -13.07 -5.57
C LEU A 388 15.28 -13.67 -5.71
N TYR A 389 16.24 -13.07 -5.04
CA TYR A 389 17.64 -13.50 -5.01
C TYR A 389 17.99 -13.99 -3.61
N GLU A 390 18.97 -14.88 -3.58
CA GLU A 390 19.65 -15.35 -2.36
C GLU A 390 21.14 -15.01 -2.48
N LEU A 391 21.66 -14.24 -1.55
CA LEU A 391 23.06 -13.77 -1.51
C LEU A 391 23.76 -14.40 -0.31
N ASN A 392 24.93 -14.97 -0.57
CA ASN A 392 25.83 -15.41 0.51
C ASN A 392 26.53 -14.16 1.01
N LEU A 393 26.27 -13.75 2.26
CA LEU A 393 26.78 -12.45 2.79
C LEU A 393 28.32 -12.49 2.91
N ASP A 394 28.87 -13.70 3.02
CA ASP A 394 30.33 -13.94 3.19
C ASP A 394 31.00 -14.00 1.82
N SER A 395 30.50 -14.84 0.90
CA SER A 395 31.19 -15.15 -0.39
C SER A 395 30.75 -14.21 -1.50
N ASP A 396 29.61 -13.55 -1.31
CA ASP A 396 28.98 -12.63 -2.31
C ASP A 396 28.35 -13.42 -3.46
N GLU A 397 28.29 -14.75 -3.40
CA GLU A 397 27.57 -15.58 -4.41
C GLU A 397 26.10 -15.16 -4.43
N ARG A 398 25.61 -14.75 -5.60
N ARG A 398 25.61 -14.71 -5.59
CA ARG A 398 24.23 -14.24 -5.79
CA ARG A 398 24.23 -14.22 -5.78
C ARG A 398 23.49 -15.22 -6.68
C ARG A 398 23.48 -15.22 -6.67
N VAL A 399 22.42 -15.84 -6.17
CA VAL A 399 21.67 -16.87 -6.93
C VAL A 399 20.21 -16.43 -7.06
N MET A 400 19.63 -16.61 -8.24
CA MET A 400 18.20 -16.31 -8.46
C MET A 400 17.39 -17.50 -7.90
N LEU A 401 16.39 -17.22 -7.08
CA LEU A 401 15.49 -18.26 -6.53
C LEU A 401 14.22 -18.32 -7.37
N LYS A 402 13.70 -17.16 -7.79
CA LYS A 402 12.44 -17.14 -8.56
C LYS A 402 12.35 -15.84 -9.36
N GLN A 403 11.81 -15.95 -10.55
CA GLN A 403 11.49 -14.80 -11.43
C GLN A 403 10.00 -14.80 -11.67
N GLN A 404 9.41 -13.61 -11.66
CA GLN A 404 8.03 -13.39 -12.15
C GLN A 404 8.00 -13.85 -13.61
N GLU A 405 7.09 -14.76 -13.93
CA GLU A 405 6.91 -15.26 -15.31
C GLU A 405 5.98 -14.29 -16.06
N VAL A 406 6.43 -13.85 -17.23
CA VAL A 406 5.66 -12.93 -18.09
C VAL A 406 5.64 -13.53 -19.49
N LYS A 407 4.50 -14.01 -19.91
CA LYS A 407 4.42 -14.60 -21.27
C LYS A 407 4.27 -13.51 -22.33
N ASN A 408 4.66 -13.87 -23.56
CA ASN A 408 4.53 -13.00 -24.75
C ASN A 408 5.34 -11.72 -24.53
N PHE A 409 6.45 -11.82 -23.81
CA PHE A 409 7.26 -10.67 -23.35
C PHE A 409 8.74 -10.88 -23.68
N THR A 410 9.34 -9.94 -24.39
CA THR A 410 10.77 -9.88 -24.76
C THR A 410 11.34 -8.66 -24.06
N PRO A 411 12.17 -8.77 -23.00
CA PRO A 411 12.55 -7.57 -22.24
C PRO A 411 13.32 -6.55 -23.08
N GLU A 412 14.07 -6.98 -24.10
CA GLU A 412 14.91 -6.04 -24.86
C GLU A 412 14.05 -5.14 -25.77
N ASN A 413 12.75 -5.43 -25.90
CA ASN A 413 11.79 -4.57 -26.66
C ASN A 413 11.60 -3.21 -25.96
N TYR A 414 11.96 -3.09 -24.68
CA TYR A 414 11.61 -1.88 -23.87
C TYR A 414 12.90 -1.19 -23.40
N ARG A 415 12.79 0.11 -23.16
CA ARG A 415 13.87 0.96 -22.61
C ARG A 415 13.31 1.77 -21.45
N SER A 416 14.17 2.10 -20.49
CA SER A 416 13.75 2.90 -19.33
C SER A 416 14.76 4.02 -19.13
N GLU A 417 14.34 5.11 -18.52
CA GLU A 417 15.29 6.17 -18.12
C GLU A 417 14.93 6.71 -16.77
N ARG A 418 15.95 7.19 -16.09
CA ARG A 418 15.79 8.11 -14.94
C ARG A 418 16.02 9.52 -15.46
N VAL A 419 15.07 10.39 -15.20
CA VAL A 419 15.12 11.83 -15.56
C VAL A 419 14.99 12.62 -14.28
N TRP A 420 15.78 13.66 -14.14
CA TRP A 420 15.63 14.59 -13.01
C TRP A 420 15.08 15.91 -13.55
N VAL A 421 13.98 16.37 -12.96
CA VAL A 421 13.33 17.66 -13.37
C VAL A 421 13.57 18.74 -12.31
N LYS A 422 14.16 19.89 -12.70
CA LYS A 422 14.24 21.03 -11.77
C LYS A 422 12.85 21.66 -11.71
N ALA A 423 12.25 21.57 -10.53
CA ALA A 423 10.89 22.06 -10.24
C ALA A 423 10.94 23.58 -10.19
N ARG A 424 9.78 24.20 -10.10
CA ARG A 424 9.64 25.68 -10.22
C ARG A 424 10.33 26.38 -9.02
N ASP A 425 10.54 25.68 -7.90
CA ASP A 425 11.29 26.22 -6.72
C ASP A 425 12.76 25.78 -6.75
N GLY A 426 13.21 25.15 -7.83
CA GLY A 426 14.60 24.71 -8.05
C GLY A 426 14.93 23.38 -7.41
N VAL A 427 13.98 22.72 -6.73
CA VAL A 427 14.20 21.37 -6.16
C VAL A 427 14.18 20.34 -7.32
N GLU A 428 15.12 19.40 -7.32
CA GLU A 428 15.26 18.31 -8.30
C GLU A 428 14.32 17.14 -7.95
N VAL A 429 13.44 16.84 -8.91
CA VAL A 429 12.35 15.82 -8.79
C VAL A 429 12.73 14.67 -9.68
N PRO A 430 12.89 13.44 -9.14
CA PRO A 430 13.23 12.30 -9.96
C PRO A 430 11.98 11.75 -10.68
N VAL A 431 12.22 11.16 -11.83
CA VAL A 431 11.18 10.57 -12.71
C VAL A 431 11.71 9.23 -13.22
N SER A 432 10.85 8.20 -13.35
CA SER A 432 11.22 6.90 -13.95
C SER A 432 10.26 6.63 -15.10
N LEU A 433 10.77 6.39 -16.30
CA LEU A 433 9.87 6.17 -17.44
C LEU A 433 10.33 4.97 -18.27
N VAL A 434 9.39 4.36 -18.96
CA VAL A 434 9.62 3.13 -19.77
C VAL A 434 8.75 3.22 -21.03
N TYR A 435 9.29 2.76 -22.15
CA TYR A 435 8.56 2.77 -23.43
C TYR A 435 9.08 1.63 -24.29
N ARG A 436 8.33 1.31 -25.33
CA ARG A 436 8.73 0.29 -26.33
C ARG A 436 9.60 0.99 -27.38
N HIS A 437 10.78 0.42 -27.63
CA HIS A 437 11.82 1.05 -28.49
C HIS A 437 11.31 1.17 -29.94
N ASP A 438 10.71 0.14 -30.50
CA ASP A 438 10.45 0.07 -31.97
C ASP A 438 9.30 1.01 -32.36
N SER A 439 8.48 1.50 -31.43
CA SER A 439 7.38 2.47 -31.70
C SER A 439 7.71 3.88 -31.18
N PHE A 440 8.87 4.11 -30.57
CA PHE A 440 9.24 5.45 -30.05
C PHE A 440 9.64 6.38 -31.20
N ALA A 441 8.99 7.54 -31.27
CA ALA A 441 9.44 8.68 -32.13
C ALA A 441 9.26 9.98 -31.35
N ARG A 442 10.35 10.72 -31.12
CA ARG A 442 10.37 11.85 -30.16
C ARG A 442 9.27 12.85 -30.51
N GLY A 443 8.56 13.33 -29.49
CA GLY A 443 7.44 14.28 -29.61
C GLY A 443 6.12 13.67 -30.09
N THR A 444 6.01 12.37 -30.31
CA THR A 444 4.81 11.78 -30.98
C THR A 444 4.07 10.73 -30.15
N ASN A 445 4.66 10.23 -29.08
CA ASN A 445 4.06 9.12 -28.32
C ASN A 445 3.14 9.68 -27.24
N PRO A 446 1.98 9.05 -27.00
CA PRO A 446 1.17 9.42 -25.84
C PRO A 446 1.96 9.18 -24.56
N LEU A 447 1.66 9.97 -23.53
CA LEU A 447 2.29 9.81 -22.19
C LEU A 447 1.20 9.34 -21.23
N MET A 448 1.58 8.47 -20.32
CA MET A 448 0.75 8.20 -19.13
C MET A 448 1.62 8.51 -17.92
N VAL A 449 1.21 9.50 -17.15
CA VAL A 449 1.99 9.96 -15.97
C VAL A 449 1.22 9.53 -14.74
N TYR A 450 1.91 8.81 -13.87
CA TYR A 450 1.29 8.18 -12.69
C TYR A 450 1.96 8.79 -11.49
N GLY A 451 1.16 9.18 -10.50
CA GLY A 451 1.66 9.73 -9.23
C GLY A 451 0.79 9.31 -8.06
N TYR A 452 1.38 9.38 -6.89
CA TYR A 452 0.68 9.22 -5.60
C TYR A 452 0.98 10.44 -4.76
N GLY A 453 2.11 10.42 -4.04
CA GLY A 453 2.63 11.65 -3.40
C GLY A 453 2.06 11.97 -2.04
N SER A 454 1.64 10.97 -1.26
CA SER A 454 1.22 11.18 0.14
C SER A 454 1.84 10.15 1.05
N TYR A 455 1.82 10.47 2.34
CA TYR A 455 2.12 9.56 3.48
C TYR A 455 3.59 9.10 3.51
N GLY A 456 4.44 9.65 2.65
CA GLY A 456 5.81 9.16 2.44
C GLY A 456 5.87 7.78 1.81
N SER A 457 4.79 7.36 1.19
CA SER A 457 4.71 6.16 0.33
C SER A 457 5.45 6.46 -0.94
N SER A 458 6.34 5.58 -1.36
CA SER A 458 7.09 5.78 -2.63
C SER A 458 6.45 4.98 -3.77
N MET A 459 6.42 5.59 -4.95
CA MET A 459 6.03 4.92 -6.19
C MET A 459 7.32 4.38 -6.81
N ASP A 460 7.86 3.36 -6.14
CA ASP A 460 9.17 2.80 -6.52
C ASP A 460 9.06 2.18 -7.92
N PRO A 461 10.11 2.33 -8.76
CA PRO A 461 10.12 1.80 -10.12
C PRO A 461 10.26 0.28 -10.08
N ALA A 462 9.29 -0.39 -10.69
CA ALA A 462 9.17 -1.84 -10.59
C ALA A 462 8.39 -2.30 -11.81
N PHE A 463 8.45 -3.58 -12.04
CA PHE A 463 7.91 -4.17 -13.27
C PHE A 463 6.39 -4.26 -13.18
N SER A 464 5.70 -3.93 -14.24
CA SER A 464 4.24 -4.21 -14.35
C SER A 464 3.88 -4.93 -15.64
N ALA A 465 3.33 -6.15 -15.53
CA ALA A 465 2.85 -6.93 -16.70
C ALA A 465 1.68 -6.20 -17.36
N SER A 466 0.71 -5.72 -16.59
CA SER A 466 -0.46 -5.05 -17.20
C SER A 466 0.00 -3.82 -18.01
N ARG A 467 1.01 -3.12 -17.52
CA ARG A 467 1.57 -1.91 -18.16
C ARG A 467 1.99 -2.18 -19.61
N LEU A 468 2.43 -3.38 -19.94
CA LEU A 468 2.81 -3.75 -21.32
C LEU A 468 1.66 -3.48 -22.29
N SER A 469 0.40 -3.54 -21.86
CA SER A 469 -0.75 -3.25 -22.77
C SER A 469 -0.73 -1.79 -23.24
N LEU A 470 -0.20 -0.87 -22.43
CA LEU A 470 -0.02 0.55 -22.85
C LEU A 470 1.28 0.64 -23.64
N LEU A 471 2.36 0.00 -23.19
CA LEU A 471 3.69 0.19 -23.86
C LEU A 471 3.61 -0.39 -25.29
N ASP A 472 2.90 -1.50 -25.47
CA ASP A 472 2.80 -2.17 -26.80
C ASP A 472 1.82 -1.44 -27.71
N ARG A 473 1.22 -0.33 -27.25
CA ARG A 473 0.38 0.57 -28.07
C ARG A 473 0.97 1.99 -28.08
N GLY A 474 2.28 2.10 -27.86
CA GLY A 474 3.08 3.31 -28.12
C GLY A 474 3.13 4.28 -26.96
N PHE A 475 2.62 3.90 -25.80
CA PHE A 475 2.65 4.81 -24.62
C PHE A 475 4.07 4.85 -24.03
N VAL A 476 4.44 6.04 -23.59
CA VAL A 476 5.55 6.25 -22.64
C VAL A 476 4.91 6.34 -21.25
N PHE A 477 5.30 5.44 -20.37
CA PHE A 477 4.74 5.30 -19.01
C PHE A 477 5.72 5.93 -18.02
N VAL A 478 5.21 6.83 -17.19
CA VAL A 478 6.01 7.69 -16.30
C VAL A 478 5.56 7.54 -14.86
N LEU A 479 6.52 7.27 -13.99
CA LEU A 479 6.34 7.47 -12.53
C LEU A 479 6.95 8.81 -12.17
N ALA A 480 6.12 9.73 -11.68
CA ALA A 480 6.58 11.03 -11.19
C ALA A 480 6.79 10.95 -9.67
N HIS A 481 8.02 11.00 -9.22
CA HIS A 481 8.42 10.76 -7.79
C HIS A 481 8.29 12.07 -7.01
N ILE A 482 7.06 12.59 -6.95
CA ILE A 482 6.72 13.94 -6.44
C ILE A 482 6.86 14.02 -4.93
N ARG A 483 7.14 15.21 -4.45
CA ARG A 483 7.14 15.47 -2.99
C ARG A 483 5.81 15.03 -2.33
N GLY A 484 5.94 14.54 -1.10
CA GLY A 484 4.87 13.91 -0.32
C GLY A 484 5.03 12.42 -0.38
N GLY A 485 5.73 11.92 -1.40
CA GLY A 485 6.21 10.54 -1.44
C GLY A 485 7.46 10.38 -0.58
N GLY A 486 8.06 9.19 -0.60
CA GLY A 486 9.23 8.90 0.23
C GLY A 486 10.50 8.66 -0.57
N GLU A 487 10.52 8.94 -1.88
CA GLU A 487 11.67 8.50 -2.73
C GLU A 487 12.99 9.17 -2.29
N LEU A 488 12.96 10.39 -1.77
CA LEU A 488 14.17 11.11 -1.29
C LEU A 488 14.07 11.23 0.23
N GLY A 489 13.40 10.30 0.89
CA GLY A 489 13.47 10.16 2.36
C GLY A 489 12.45 11.00 3.07
N GLN A 490 12.61 11.10 4.40
CA GLN A 490 11.64 11.78 5.25
C GLN A 490 11.45 13.25 4.81
N LEU A 491 12.49 14.00 4.44
CA LEU A 491 12.33 15.44 4.08
C LEU A 491 11.51 15.59 2.77
N TRP A 492 11.54 14.61 1.88
CA TRP A 492 10.77 14.55 0.60
C TRP A 492 9.30 14.40 0.96
N TYR A 493 9.05 13.59 1.97
CA TYR A 493 7.68 13.44 2.51
C TYR A 493 7.23 14.76 3.14
N GLU A 494 8.01 15.30 4.07
CA GLU A 494 7.58 16.49 4.86
C GLU A 494 7.41 17.70 3.95
N ASP A 495 8.12 17.79 2.83
CA ASP A 495 8.00 18.91 1.86
C ASP A 495 6.84 18.66 0.90
N GLY A 496 5.96 17.70 1.23
CA GLY A 496 4.77 17.44 0.40
C GLY A 496 3.59 17.05 1.27
N LYS A 497 3.49 17.60 2.48
CA LYS A 497 2.35 17.39 3.39
C LYS A 497 2.11 18.67 4.20
N LEU A 498 0.96 18.71 4.88
CA LEU A 498 0.62 19.81 5.82
C LEU A 498 0.77 21.14 5.06
N PHE A 499 1.56 22.10 5.56
CA PHE A 499 1.65 23.43 4.90
C PHE A 499 2.57 23.39 3.67
N LYS A 500 2.99 22.21 3.22
CA LYS A 500 3.82 22.01 2.00
C LYS A 500 3.09 21.13 0.98
N LYS A 501 1.82 20.79 1.22
CA LYS A 501 1.13 19.80 0.36
C LYS A 501 1.08 20.28 -1.09
N GLN A 502 0.96 21.59 -1.33
CA GLN A 502 0.86 22.07 -2.71
C GLN A 502 2.09 21.67 -3.53
N ASN A 503 3.23 21.40 -2.92
CA ASN A 503 4.43 20.95 -3.67
C ASN A 503 4.13 19.65 -4.43
N THR A 504 3.31 18.76 -3.85
CA THR A 504 3.00 17.49 -4.56
C THR A 504 2.41 17.79 -5.94
N PHE A 505 1.46 18.70 -6.00
CA PHE A 505 0.71 18.98 -7.24
C PHE A 505 1.63 19.76 -8.21
N ASN A 506 2.36 20.74 -7.69
CA ASN A 506 3.31 21.53 -8.51
C ASN A 506 4.33 20.60 -9.16
N ASP A 507 4.82 19.63 -8.41
CA ASP A 507 5.89 18.73 -8.89
C ASP A 507 5.32 17.88 -10.02
N PHE A 508 4.07 17.43 -9.89
CA PHE A 508 3.43 16.60 -10.91
C PHE A 508 3.32 17.41 -12.22
N ILE A 509 2.86 18.65 -12.13
CA ILE A 509 2.72 19.57 -13.26
C ILE A 509 4.11 19.86 -13.84
N ASP A 510 5.08 20.15 -12.98
CA ASP A 510 6.47 20.52 -13.45
C ASP A 510 7.13 19.35 -14.19
N VAL A 511 6.98 18.12 -13.68
CA VAL A 511 7.50 16.91 -14.36
C VAL A 511 6.83 16.77 -15.71
N THR A 512 5.51 16.87 -15.78
CA THR A 512 4.72 16.65 -17.03
C THR A 512 5.20 17.70 -18.07
N GLU A 513 5.27 18.95 -17.67
CA GLU A 513 5.67 20.05 -18.60
C GLU A 513 7.08 19.75 -19.11
N ALA A 514 7.99 19.31 -18.25
CA ALA A 514 9.42 19.06 -18.61
C ALA A 514 9.48 17.94 -19.62
N LEU A 515 8.73 16.85 -19.39
CA LEU A 515 8.83 15.66 -20.29
C LEU A 515 8.30 16.02 -21.67
N ILE A 516 7.30 16.87 -21.75
CA ILE A 516 6.77 17.37 -23.06
C ILE A 516 7.83 18.28 -23.67
N ALA A 517 8.39 19.20 -22.89
CA ALA A 517 9.39 20.16 -23.43
C ALA A 517 10.58 19.37 -23.97
N GLN A 518 10.94 18.24 -23.34
CA GLN A 518 12.16 17.47 -23.68
C GLN A 518 11.93 16.43 -24.78
N GLY A 519 10.70 16.28 -25.28
CA GLY A 519 10.40 15.42 -26.43
C GLY A 519 10.07 13.97 -26.08
N TYR A 520 9.72 13.66 -24.82
CA TYR A 520 9.34 12.28 -24.46
C TYR A 520 7.94 11.90 -24.96
N GLY A 521 7.08 12.88 -25.19
CA GLY A 521 5.73 12.58 -25.67
C GLY A 521 5.05 13.73 -26.39
N ASP A 522 3.91 13.37 -26.96
CA ASP A 522 2.95 14.25 -27.68
C ASP A 522 2.25 15.19 -26.69
N ALA A 523 2.42 16.50 -26.82
CA ALA A 523 1.75 17.49 -25.94
C ALA A 523 0.22 17.30 -25.98
N LYS A 524 -0.32 16.83 -27.09
CA LYS A 524 -1.79 16.69 -27.29
C LYS A 524 -2.32 15.39 -26.71
N ARG A 525 -1.44 14.45 -26.31
CA ARG A 525 -1.91 13.13 -25.85
C ARG A 525 -1.20 12.77 -24.56
N VAL A 526 -1.35 13.65 -23.57
CA VAL A 526 -0.81 13.40 -22.22
C VAL A 526 -1.94 12.93 -21.32
N PHE A 527 -1.74 11.79 -20.68
CA PHE A 527 -2.75 11.20 -19.76
C PHE A 527 -2.14 11.05 -18.39
N ALA A 528 -3.00 11.08 -17.37
CA ALA A 528 -2.55 10.93 -15.98
C ALA A 528 -3.50 10.02 -15.22
N MET A 529 -2.98 9.37 -14.18
CA MET A 529 -3.79 8.48 -13.34
C MET A 529 -3.25 8.54 -11.90
N GLY A 530 -4.16 8.47 -10.95
CA GLY A 530 -3.80 8.34 -9.53
C GLY A 530 -4.99 7.87 -8.77
N GLY A 531 -4.75 7.22 -7.63
CA GLY A 531 -5.85 6.69 -6.81
C GLY A 531 -5.70 6.99 -5.34
N SER A 532 -6.85 7.22 -4.71
CA SER A 532 -7.00 7.58 -3.29
C SER A 532 -6.31 8.93 -3.04
N ALA A 533 -5.21 9.01 -2.25
CA ALA A 533 -4.40 10.25 -2.16
C ALA A 533 -3.84 10.63 -3.52
N GLY A 534 -3.62 9.66 -4.43
CA GLY A 534 -3.29 9.97 -5.84
C GLY A 534 -4.47 10.52 -6.59
N GLY A 535 -5.71 10.26 -6.12
CA GLY A 535 -6.90 10.91 -6.69
C GLY A 535 -7.03 12.36 -6.29
N LEU A 536 -6.69 12.70 -5.06
CA LEU A 536 -6.49 14.12 -4.62
C LEU A 536 -5.53 14.80 -5.58
N LEU A 537 -4.39 14.17 -5.86
CA LEU A 537 -3.42 14.66 -6.87
C LEU A 537 -4.12 14.93 -8.19
N MET A 538 -4.88 13.98 -8.74
CA MET A 538 -5.55 14.15 -10.03
C MET A 538 -6.48 15.36 -9.93
N GLY A 539 -7.29 15.42 -8.87
CA GLY A 539 -8.30 16.49 -8.71
C GLY A 539 -7.67 17.85 -8.59
N ALA A 540 -6.56 18.00 -7.89
CA ALA A 540 -5.92 19.32 -7.71
C ALA A 540 -5.27 19.73 -9.04
N VAL A 541 -4.62 18.78 -9.72
CA VAL A 541 -3.86 19.11 -10.95
C VAL A 541 -4.79 19.52 -12.09
N ILE A 542 -5.99 18.89 -12.22
CA ILE A 542 -6.91 19.31 -13.30
C ILE A 542 -7.57 20.65 -12.95
N ASN A 543 -7.72 21.02 -11.67
CA ASN A 543 -8.27 22.37 -11.38
C ASN A 543 -7.20 23.40 -11.73
N GLN A 544 -5.95 23.07 -11.45
CA GLN A 544 -4.82 24.05 -11.52
C GLN A 544 -4.27 24.14 -12.95
N ALA A 545 -4.18 23.03 -13.67
CA ALA A 545 -3.57 22.91 -15.01
C ALA A 545 -4.44 22.04 -15.89
N PRO A 546 -5.70 22.49 -16.15
CA PRO A 546 -6.71 21.74 -16.88
C PRO A 546 -6.30 21.50 -18.33
N GLU A 547 -5.44 22.35 -18.92
CA GLU A 547 -5.10 22.21 -20.37
C GLU A 547 -3.94 21.25 -20.58
N LEU A 548 -3.25 20.86 -19.51
CA LEU A 548 -2.04 20.01 -19.62
C LEU A 548 -2.41 18.60 -20.09
N PHE A 549 -3.54 18.09 -19.63
CA PHE A 549 -3.85 16.64 -19.79
C PHE A 549 -5.03 16.49 -20.75
N ASN A 550 -4.92 15.50 -21.61
CA ASN A 550 -5.99 15.08 -22.55
C ASN A 550 -7.08 14.36 -21.75
N GLY A 551 -6.67 13.45 -20.89
CA GLY A 551 -7.59 12.54 -20.19
C GLY A 551 -6.95 12.03 -18.91
N ILE A 552 -7.79 11.67 -17.96
CA ILE A 552 -7.42 11.39 -16.54
C ILE A 552 -8.22 10.17 -16.10
N VAL A 553 -7.59 9.30 -15.31
CA VAL A 553 -8.30 8.27 -14.52
C VAL A 553 -8.05 8.59 -13.05
N ALA A 554 -9.13 8.88 -12.30
CA ALA A 554 -9.05 9.15 -10.86
C ALA A 554 -9.76 8.01 -10.14
N GLN A 555 -8.98 7.14 -9.50
CA GLN A 555 -9.54 6.04 -8.71
C GLN A 555 -9.82 6.47 -7.29
N VAL A 556 -10.99 6.07 -6.76
CA VAL A 556 -11.43 6.29 -5.36
C VAL A 556 -10.83 7.60 -4.81
N PRO A 557 -11.09 8.76 -5.45
CA PRO A 557 -10.27 9.94 -5.16
C PRO A 557 -10.70 10.69 -3.91
N PHE A 558 -9.73 11.16 -3.15
CA PHE A 558 -9.95 12.00 -1.96
C PHE A 558 -10.06 13.46 -2.44
N VAL A 559 -11.27 13.96 -2.55
CA VAL A 559 -11.46 15.29 -3.20
C VAL A 559 -12.27 16.25 -2.32
N ASP A 560 -13.07 15.75 -1.37
CA ASP A 560 -13.93 16.64 -0.52
C ASP A 560 -13.15 16.97 0.75
N VAL A 561 -11.94 17.52 0.60
CA VAL A 561 -10.94 17.43 1.69
C VAL A 561 -11.32 18.24 2.91
N VAL A 562 -11.73 19.48 2.72
CA VAL A 562 -12.03 20.40 3.85
C VAL A 562 -13.23 19.85 4.62
N THR A 563 -14.30 19.50 3.91
CA THR A 563 -15.55 19.00 4.54
C THR A 563 -15.23 17.70 5.28
N THR A 564 -14.53 16.76 4.64
CA THR A 564 -14.16 15.49 5.31
C THR A 564 -13.29 15.75 6.54
N MET A 565 -12.27 16.59 6.43
CA MET A 565 -11.34 16.80 7.56
C MET A 565 -11.97 17.62 8.69
N LEU A 566 -13.11 18.27 8.47
CA LEU A 566 -13.87 18.94 9.56
C LEU A 566 -14.79 17.95 10.30
N ASP A 567 -14.87 16.68 9.89
CA ASP A 567 -15.91 15.75 10.44
C ASP A 567 -15.30 14.46 10.97
N GLU A 568 -15.24 14.32 12.31
CA GLU A 568 -14.57 13.17 12.95
C GLU A 568 -15.44 11.92 12.87
N SER A 569 -16.71 12.02 12.47
CA SER A 569 -17.60 10.85 12.23
C SER A 569 -17.17 10.08 10.97
N ILE A 570 -16.33 10.68 10.11
CA ILE A 570 -15.84 9.99 8.89
C ILE A 570 -14.59 9.20 9.29
N PRO A 571 -14.45 7.92 8.89
CA PRO A 571 -13.23 7.18 9.18
C PRO A 571 -12.02 7.81 8.47
N LEU A 572 -10.84 7.61 9.05
CA LEU A 572 -9.54 8.21 8.66
C LEU A 572 -9.39 9.61 9.27
N THR A 573 -10.46 10.40 9.48
CA THR A 573 -10.26 11.86 9.71
C THR A 573 -9.42 12.08 10.97
N THR A 574 -9.69 11.37 12.05
CA THR A 574 -9.01 11.58 13.36
C THR A 574 -7.52 11.22 13.21
N GLY A 575 -7.18 10.29 12.33
CA GLY A 575 -5.79 9.84 12.11
C GLY A 575 -5.07 10.59 11.00
N GLU A 576 -5.69 11.62 10.38
CA GLU A 576 -5.12 12.31 9.18
C GLU A 576 -4.87 13.81 9.42
N TYR A 577 -4.97 14.28 10.65
CA TYR A 577 -4.60 15.68 10.97
C TYR A 577 -3.10 15.89 10.76
N ASP A 578 -2.26 14.84 10.90
CA ASP A 578 -0.80 14.99 10.74
C ASP A 578 -0.42 14.76 9.28
N GLU A 579 -1.38 14.50 8.39
CA GLU A 579 -1.14 14.49 6.93
C GLU A 579 -1.53 15.82 6.28
N TRP A 580 -2.81 16.20 6.35
CA TRP A 580 -3.35 17.37 5.62
C TRP A 580 -3.39 18.58 6.55
N GLY A 581 -3.51 18.29 7.85
CA GLY A 581 -3.77 19.29 8.89
C GLY A 581 -5.18 19.18 9.44
N ASN A 582 -5.45 20.01 10.44
CA ASN A 582 -6.76 20.06 11.12
C ASN A 582 -7.44 21.37 10.75
N PRO A 583 -8.45 21.36 9.86
CA PRO A 583 -9.08 22.61 9.40
C PRO A 583 -9.98 23.29 10.45
N ASN A 584 -10.08 22.71 11.65
CA ASN A 584 -10.64 23.45 12.81
C ASN A 584 -9.72 24.61 13.15
N GLN A 585 -8.48 24.59 12.68
CA GLN A 585 -7.55 25.75 12.80
C GLN A 585 -7.61 26.54 11.50
N GLN A 586 -7.88 27.84 11.58
CA GLN A 586 -8.01 28.71 10.40
C GLN A 586 -6.79 28.56 9.46
N ALA A 587 -5.57 28.49 9.97
CA ALA A 587 -4.38 28.39 9.09
C ALA A 587 -4.52 27.17 8.18
N TYR A 588 -4.89 26.02 8.71
CA TYR A 588 -5.04 24.78 7.90
C TYR A 588 -6.30 24.83 7.02
N TYR A 589 -7.43 25.35 7.52
CA TYR A 589 -8.64 25.57 6.69
C TYR A 589 -8.24 26.32 5.42
N ASP A 590 -7.54 27.45 5.56
CA ASP A 590 -7.15 28.26 4.38
C ASP A 590 -6.20 27.49 3.46
N TYR A 591 -5.19 26.85 4.03
CA TYR A 591 -4.13 26.18 3.24
C TYR A 591 -4.80 25.02 2.52
N ILE A 592 -5.57 24.21 3.23
CA ILE A 592 -6.22 23.03 2.56
C ILE A 592 -7.26 23.50 1.54
N LEU A 593 -8.07 24.51 1.88
CA LEU A 593 -9.16 24.93 0.99
C LEU A 593 -8.58 25.32 -0.37
N GLN A 594 -7.38 25.90 -0.40
CA GLN A 594 -6.75 26.40 -1.63
C GLN A 594 -6.61 25.26 -2.65
N TYR A 595 -6.36 24.00 -2.25
CA TYR A 595 -6.22 22.86 -3.19
C TYR A 595 -7.37 21.85 -3.13
N SER A 596 -8.22 21.86 -2.10
CA SER A 596 -9.35 20.90 -1.92
C SER A 596 -10.10 20.75 -3.24
N PRO A 597 -9.97 19.64 -4.00
CA PRO A 597 -10.46 19.69 -5.37
C PRO A 597 -11.96 19.99 -5.53
N TYR A 598 -12.78 19.47 -4.62
CA TYR A 598 -14.23 19.64 -4.71
C TYR A 598 -14.57 21.13 -4.64
N ASP A 599 -13.89 21.83 -3.72
CA ASP A 599 -14.15 23.25 -3.47
C ASP A 599 -13.62 24.11 -4.63
N GLN A 600 -12.63 23.64 -5.39
CA GLN A 600 -11.96 24.49 -6.38
C GLN A 600 -12.38 24.14 -7.82
N VAL A 601 -13.41 23.30 -7.98
CA VAL A 601 -14.02 23.08 -9.32
C VAL A 601 -14.51 24.44 -9.82
N LYS A 602 -14.15 24.83 -11.03
CA LYS A 602 -14.57 26.15 -11.57
C LYS A 602 -15.20 25.97 -12.95
N ALA A 603 -15.89 27.00 -13.42
CA ALA A 603 -16.53 27.00 -14.76
C ALA A 603 -15.41 27.22 -15.77
N GLN A 604 -14.76 26.15 -16.17
CA GLN A 604 -13.62 26.09 -17.12
C GLN A 604 -13.66 24.76 -17.83
N ASP A 605 -12.82 24.61 -18.84
CA ASP A 605 -12.73 23.38 -19.64
C ASP A 605 -11.88 22.40 -18.82
N TYR A 606 -12.34 21.16 -18.71
CA TYR A 606 -11.57 20.07 -18.07
C TYR A 606 -11.18 19.02 -19.10
N PRO A 607 -10.18 18.20 -18.75
CA PRO A 607 -9.89 17.01 -19.51
C PRO A 607 -11.01 15.97 -19.46
N HIS A 608 -11.00 15.04 -20.42
CA HIS A 608 -11.79 13.81 -20.33
C HIS A 608 -11.44 13.14 -19.00
N MET A 609 -12.40 12.54 -18.32
CA MET A 609 -12.06 11.92 -17.04
C MET A 609 -12.96 10.70 -16.79
N LEU A 610 -12.35 9.63 -16.27
CA LEU A 610 -13.08 8.49 -15.69
C LEU A 610 -12.79 8.49 -14.20
N VAL A 611 -13.83 8.47 -13.38
CA VAL A 611 -13.72 8.52 -11.90
C VAL A 611 -14.31 7.20 -11.39
N THR A 612 -13.68 6.57 -10.43
CA THR A 612 -14.20 5.29 -9.87
C THR A 612 -14.43 5.46 -8.38
N THR A 613 -15.37 4.70 -7.81
CA THR A 613 -15.61 4.68 -6.33
C THR A 613 -16.25 3.32 -6.03
N GLY A 614 -16.52 3.06 -4.76
CA GLY A 614 -17.17 1.83 -4.28
C GLY A 614 -18.16 2.19 -3.19
N LEU A 615 -19.34 1.58 -3.22
CA LEU A 615 -20.46 1.86 -2.29
C LEU A 615 -20.22 1.15 -0.95
N HIS A 616 -20.00 -0.17 -1.00
CA HIS A 616 -20.16 -1.12 0.15
C HIS A 616 -18.90 -1.12 1.04
N ASP A 617 -17.73 -0.88 0.45
CA ASP A 617 -16.44 -0.66 1.16
C ASP A 617 -16.06 0.82 1.01
N SER A 618 -14.95 1.28 1.62
CA SER A 618 -14.34 2.62 1.36
C SER A 618 -13.04 2.85 2.15
N GLN A 619 -12.10 3.58 1.53
CA GLN A 619 -10.95 4.30 2.16
C GLN A 619 -11.20 5.81 2.01
N VAL A 620 -11.62 6.23 0.81
CA VAL A 620 -12.44 7.46 0.58
C VAL A 620 -13.90 6.98 0.47
N GLN A 621 -14.82 7.64 1.18
CA GLN A 621 -16.23 7.24 1.19
C GLN A 621 -16.83 7.59 -0.19
N TYR A 622 -17.73 6.74 -0.66
CA TYR A 622 -18.25 6.75 -2.05
C TYR A 622 -18.75 8.14 -2.44
N TRP A 623 -19.20 8.93 -1.48
CA TRP A 623 -19.91 10.20 -1.78
C TRP A 623 -18.95 11.26 -2.33
N GLU A 624 -17.66 11.20 -2.01
CA GLU A 624 -16.76 12.33 -2.39
C GLU A 624 -16.66 12.32 -3.91
N PRO A 625 -16.32 11.20 -4.58
CA PRO A 625 -16.27 11.20 -6.05
C PRO A 625 -17.62 11.47 -6.74
N ALA A 626 -18.72 10.99 -6.16
CA ALA A 626 -20.08 11.24 -6.69
C ALA A 626 -20.42 12.74 -6.64
N LYS A 627 -20.10 13.43 -5.53
CA LYS A 627 -20.38 14.88 -5.39
C LYS A 627 -19.52 15.65 -6.38
N TRP A 628 -18.28 15.22 -6.50
CA TRP A 628 -17.26 15.87 -7.38
C TRP A 628 -17.76 15.82 -8.83
N VAL A 629 -18.13 14.65 -9.30
CA VAL A 629 -18.67 14.47 -10.69
C VAL A 629 -19.94 15.35 -10.81
N ALA A 630 -20.87 15.27 -9.87
CA ALA A 630 -22.10 16.11 -9.89
C ALA A 630 -21.71 17.59 -10.09
N LYS A 631 -20.73 18.08 -9.34
CA LYS A 631 -20.35 19.50 -9.42
C LYS A 631 -19.63 19.80 -10.74
N LEU A 632 -18.74 18.91 -11.17
CA LEU A 632 -18.07 19.06 -12.49
C LEU A 632 -19.12 19.11 -13.63
N ARG A 633 -20.16 18.28 -13.57
CA ARG A 633 -21.20 18.24 -14.63
C ARG A 633 -21.89 19.61 -14.67
N GLU A 634 -22.09 20.20 -13.49
CA GLU A 634 -22.86 21.47 -13.32
C GLU A 634 -22.05 22.62 -13.90
N LEU A 635 -20.74 22.63 -13.66
CA LEU A 635 -19.91 23.84 -13.85
C LEU A 635 -19.04 23.74 -15.11
N LYS A 636 -18.51 22.55 -15.47
CA LYS A 636 -17.48 22.50 -16.53
C LYS A 636 -18.04 23.03 -17.84
N THR A 637 -17.18 23.70 -18.61
CA THR A 637 -17.60 24.41 -19.83
C THR A 637 -17.32 23.61 -21.09
N ASP A 638 -16.60 22.48 -21.02
CA ASP A 638 -16.21 21.64 -22.19
C ASP A 638 -17.32 20.61 -22.46
N ASP A 639 -17.20 19.88 -23.55
CA ASP A 639 -18.11 18.79 -23.94
C ASP A 639 -17.34 17.46 -23.93
N ARG A 640 -16.34 17.34 -23.07
CA ARG A 640 -15.49 16.12 -23.05
C ARG A 640 -16.16 15.07 -22.19
N GLN A 641 -15.59 13.86 -22.19
CA GLN A 641 -16.17 12.70 -21.50
C GLN A 641 -15.95 12.88 -20.00
N LEU A 642 -16.99 12.70 -19.20
CA LEU A 642 -16.89 12.65 -17.72
C LEU A 642 -17.73 11.47 -17.28
N LEU A 643 -17.13 10.49 -16.63
CA LEU A 643 -17.83 9.22 -16.29
C LEU A 643 -17.55 8.89 -14.83
N LEU A 644 -18.55 8.41 -14.10
CA LEU A 644 -18.42 7.86 -12.73
C LEU A 644 -18.78 6.38 -12.78
N TYR A 645 -17.90 5.52 -12.29
CA TYR A 645 -18.11 4.06 -12.23
C TYR A 645 -18.06 3.68 -10.76
N THR A 646 -19.20 3.28 -10.20
CA THR A 646 -19.32 2.91 -8.77
C THR A 646 -19.41 1.38 -8.65
N ASP A 647 -18.45 0.76 -7.98
CA ASP A 647 -18.47 -0.70 -7.70
C ASP A 647 -19.62 -0.97 -6.72
N MET A 648 -20.61 -1.76 -7.16
CA MET A 648 -21.82 -2.12 -6.38
C MET A 648 -21.64 -3.47 -5.67
N ASP A 649 -20.63 -4.27 -6.04
CA ASP A 649 -20.37 -5.63 -5.48
C ASP A 649 -20.46 -5.57 -3.95
N SER A 650 -21.09 -6.58 -3.33
CA SER A 650 -21.27 -6.63 -1.86
C SER A 650 -19.96 -7.02 -1.17
N GLY A 651 -18.97 -7.52 -1.94
CA GLY A 651 -17.60 -7.77 -1.43
C GLY A 651 -16.68 -8.30 -2.51
N HIS A 652 -15.55 -8.90 -2.08
CA HIS A 652 -14.32 -9.16 -2.89
C HIS A 652 -14.21 -10.64 -3.23
N GLY A 653 -13.04 -11.08 -3.72
CA GLY A 653 -12.75 -12.47 -4.14
C GLY A 653 -11.49 -13.03 -3.52
N GLY A 654 -10.68 -13.76 -4.31
CA GLY A 654 -9.40 -14.38 -3.88
C GLY A 654 -8.32 -13.34 -3.58
N LYS A 655 -8.29 -12.85 -2.33
CA LYS A 655 -7.29 -11.91 -1.74
C LYS A 655 -7.53 -10.46 -2.19
N SER A 656 -8.47 -10.23 -3.12
CA SER A 656 -8.84 -8.89 -3.67
C SER A 656 -9.92 -9.08 -4.75
N GLY A 657 -9.68 -10.03 -5.67
CA GLY A 657 -10.52 -10.36 -6.85
C GLY A 657 -9.72 -10.19 -8.13
N ARG A 658 -8.98 -11.24 -8.55
CA ARG A 658 -7.98 -11.11 -9.64
C ARG A 658 -8.69 -10.87 -10.98
N PHE A 659 -9.67 -11.72 -11.34
CA PHE A 659 -10.56 -11.53 -12.52
C PHE A 659 -11.02 -10.07 -12.55
N LYS A 660 -11.62 -9.64 -11.44
CA LYS A 660 -12.21 -8.29 -11.27
C LYS A 660 -11.11 -7.23 -11.42
N ALA A 661 -9.93 -7.43 -10.83
CA ALA A 661 -8.82 -6.45 -10.90
C ALA A 661 -8.40 -6.26 -12.36
N TYR A 662 -8.28 -7.33 -13.12
CA TYR A 662 -7.95 -7.23 -14.56
C TYR A 662 -9.12 -6.60 -15.32
N GLU A 663 -10.37 -6.90 -14.96
CA GLU A 663 -11.52 -6.26 -15.67
C GLU A 663 -11.48 -4.76 -15.42
N ASP A 664 -11.18 -4.33 -14.19
CA ASP A 664 -11.11 -2.88 -13.89
C ASP A 664 -9.98 -2.23 -14.70
N ILE A 665 -8.78 -2.82 -14.70
CA ILE A 665 -7.65 -2.28 -15.49
C ILE A 665 -8.03 -2.20 -16.98
N ALA A 666 -8.69 -3.23 -17.52
CA ALA A 666 -9.07 -3.23 -18.97
C ALA A 666 -10.04 -2.08 -19.29
N LEU A 667 -10.98 -1.82 -18.40
CA LEU A 667 -11.98 -0.73 -18.59
C LEU A 667 -11.24 0.61 -18.57
N GLU A 668 -10.33 0.84 -17.63
CA GLU A 668 -9.58 2.11 -17.54
C GLU A 668 -8.67 2.29 -18.76
N TYR A 669 -7.98 1.22 -19.17
CA TYR A 669 -6.99 1.30 -20.26
C TYR A 669 -7.76 1.49 -21.57
N ALA A 670 -8.92 0.82 -21.74
CA ALA A 670 -9.72 1.02 -22.97
C ALA A 670 -10.18 2.47 -23.06
N PHE A 671 -10.61 3.06 -21.95
CA PHE A 671 -11.02 4.47 -21.89
C PHE A 671 -9.86 5.35 -22.39
N ILE A 672 -8.67 5.16 -21.85
CA ILE A 672 -7.47 5.96 -22.22
C ILE A 672 -7.09 5.70 -23.68
N LEU A 673 -6.95 4.43 -24.09
CA LEU A 673 -6.54 4.10 -25.49
C LEU A 673 -7.51 4.70 -26.52
N ALA A 674 -8.82 4.68 -26.26
CA ALA A 674 -9.84 5.26 -27.15
C ALA A 674 -9.57 6.76 -27.31
N LEU A 675 -9.17 7.44 -26.24
CA LEU A 675 -8.86 8.89 -26.29
C LEU A 675 -7.59 9.15 -27.10
N ALA A 676 -6.62 8.25 -27.04
CA ALA A 676 -5.29 8.38 -27.67
C ALA A 676 -5.38 8.11 -29.18
N GLU A 677 -6.41 7.42 -29.66
CA GLU A 677 -6.50 6.95 -31.08
C GLU A 677 -6.46 8.14 -32.03
N1 SPM B . 13.07 19.42 -27.61
C2 SPM B . 14.22 18.56 -27.95
C3 SPM B . 15.49 19.33 -27.85
C4 SPM B . 16.68 18.51 -28.22
N5 SPM B . 17.02 17.56 -27.17
C6 SPM B . 17.95 16.48 -27.50
C7 SPM B . 18.14 15.54 -26.32
C8 SPM B . 16.87 14.75 -26.10
C9 SPM B . 16.92 13.79 -24.91
N10 SPM B . 15.56 13.38 -24.59
C11 SPM B . 14.95 12.78 -25.76
C12 SPM B . 13.75 12.00 -25.44
C13 SPM B . 14.02 10.57 -25.23
N14 SPM B . 14.30 9.74 -26.41
#